data_9KB7
#
_entry.id   9KB7
#
_cell.length_a   1.00
_cell.length_b   1.00
_cell.length_c   1.00
_cell.angle_alpha   90.00
_cell.angle_beta   90.00
_cell.angle_gamma   90.00
#
_symmetry.space_group_name_H-M   'P 1'
#
loop_
_entity.id
_entity.type
_entity.pdbx_description
1 polymer 'Leucine-rich repeat-containing G-protein coupled receptor 4'
2 polymer R-spondin-2
#
loop_
_entity_poly.entity_id
_entity_poly.type
_entity_poly.pdbx_seq_one_letter_code
_entity_poly.pdbx_strand_id
1 'polypeptide(L)'
;MPGPLGLLCFLALGLLGSAGPSGAAPPLCAAPCSCDGDRRVDCSGKGLTAVPEGLSAFTQALDISMNNITQLPEDAFKNF
PFLEELQLAGNDLSFIHPKALSGLKELKVLTLQNNQLKTVPSEAIRGLSALQSLRLDANHITSVPEDSFEGLVQLRHLWL
DDNSLTEVPVHPLSNLPTLQALTLALNKISSIPDFAFTNLSSLVVLHLHNNKIRSLSQHCFDGLDNLETLDLNYNNLGEF
PQAIKALPSLKELGFHSNSISVIPDGAFDGNPLLRTIHLYDNPLSFVGNSAFHNLSDLHSLVIRGASMVQQFPNLTGTVH
LESLTLTGTKISSIPNNLCQEQKMLRTLDLSYNNIRDLPSFNGCHALEEISLQRNQIYQIKEGTFQGLISLRILDLSRNL
IHEIHSRAFATLGPITNLDVSFNELTSFPTEGLNGLNQLKLVGNFKLKEALAAKDFVNLRSLSVPYAYQCCAFWGCDSYA
NLNTEDNSLQDHSVAQEKGTADAANVTSTLENEEHSQIIIHCTPSTGAFKPCEYLLGSWMIRLTVWFIFLVALFFNLLVI
LTTFASCTSLPSSKLFIGLISVSNLFMGIYTGILTFLDAVSWGRFAEFGIWWETGSGCKVAGFLAVFSSESAIFLLMLAT
VERSLSAKDIMKNGKSNHLKQFRVAALLAFLGATVAGCFPLFHRGEYSASPLCLPFPTGETPSLGFTVTLVLLNSLAFLL
MAVIYTKLYCNLEKEDLSENSQSSMIKHVAWLIFTNCIFFCPVAFFSFAPLITAISISPEIMKSVTLIFFPLPACLNPVL
YVFFNPKFKEDWKLLKRRVTKKENLYFQGDYKDDDDKHHHHHHHH
;
A
2 'polypeptide(L)'
;MQFRLFSFALIILNCMDYSHCQGNRWRRSKRASYVSNPICKGCLSCSKDNGCSRCQQKLFFFLRREGMRQYGECLHSCPS
GYYGHRAPDMNRCARCRIENCDSCFSKDFCTKCKVGFYLHRGRCFDECPDGFAPLEETMECVEENLYFQGHHHHHHHHHH
;
B
#
# COMPACT_ATOMS: atom_id res chain seq x y z
N PRO A 26 -25.25 -13.23 -50.51
CA PRO A 26 -24.10 -12.35 -50.71
C PRO A 26 -23.83 -12.07 -52.19
N PRO A 27 -23.26 -10.90 -52.49
CA PRO A 27 -22.93 -10.58 -53.89
C PRO A 27 -21.89 -11.56 -54.44
N LEU A 28 -22.00 -11.83 -55.73
CA LEU A 28 -21.06 -12.74 -56.39
C LEU A 28 -19.66 -12.15 -56.36
N CYS A 29 -18.67 -13.00 -56.13
CA CYS A 29 -17.28 -12.57 -56.03
C CYS A 29 -16.37 -13.65 -56.57
N ALA A 30 -15.15 -13.24 -56.94
CA ALA A 30 -14.15 -14.17 -57.42
C ALA A 30 -13.62 -15.02 -56.28
N ALA A 31 -13.56 -16.33 -56.48
CA ALA A 31 -13.05 -17.24 -55.47
C ALA A 31 -11.55 -17.02 -55.27
N PRO A 32 -11.03 -17.36 -54.09
CA PRO A 32 -11.70 -17.92 -52.92
C PRO A 32 -12.17 -16.87 -51.94
N CYS A 33 -12.02 -15.60 -52.27
CA CYS A 33 -12.30 -14.51 -51.34
C CYS A 33 -13.66 -13.90 -51.61
N SER A 34 -14.16 -13.15 -50.63
CA SER A 34 -15.50 -12.61 -50.64
C SER A 34 -15.51 -11.17 -51.14
N CYS A 35 -16.68 -10.74 -51.58
CA CYS A 35 -16.91 -9.36 -52.02
C CYS A 35 -18.11 -8.81 -51.26
N ASP A 36 -17.90 -7.74 -50.51
CA ASP A 36 -18.97 -7.11 -49.76
C ASP A 36 -20.03 -6.50 -50.66
N GLY A 37 -19.67 -6.12 -51.88
CA GLY A 37 -20.57 -5.35 -52.72
C GLY A 37 -20.34 -3.87 -52.51
N ASP A 38 -21.10 -3.07 -53.28
CA ASP A 38 -20.95 -1.62 -53.27
C ASP A 38 -19.51 -1.22 -53.55
N ARG A 39 -18.90 -1.90 -54.52
CA ARG A 39 -17.51 -1.67 -54.93
C ARG A 39 -16.54 -1.87 -53.78
N ARG A 40 -16.91 -2.71 -52.81
CA ARG A 40 -16.05 -3.06 -51.68
C ARG A 40 -15.73 -4.55 -51.74
N VAL A 41 -14.45 -4.87 -51.73
CA VAL A 41 -13.99 -6.25 -51.89
C VAL A 41 -13.08 -6.59 -50.72
N ASP A 42 -13.38 -7.70 -50.05
CA ASP A 42 -12.61 -8.18 -48.91
C ASP A 42 -11.94 -9.49 -49.29
N CYS A 43 -10.66 -9.41 -49.68
CA CYS A 43 -9.89 -10.59 -50.02
C CYS A 43 -8.67 -10.74 -49.12
N SER A 44 -8.82 -10.40 -47.85
CA SER A 44 -7.75 -10.49 -46.88
C SER A 44 -7.79 -11.83 -46.16
N GLY A 45 -6.64 -12.23 -45.61
CA GLY A 45 -6.56 -13.47 -44.88
C GLY A 45 -6.79 -14.70 -45.73
N LYS A 46 -6.24 -14.73 -46.93
CA LYS A 46 -6.38 -15.87 -47.82
C LYS A 46 -5.06 -16.54 -48.15
N GLY A 47 -3.96 -16.05 -47.61
CA GLY A 47 -2.66 -16.65 -47.86
C GLY A 47 -2.15 -16.49 -49.28
N LEU A 48 -2.73 -15.58 -50.05
CA LEU A 48 -2.33 -15.42 -51.44
C LEU A 48 -0.98 -14.70 -51.53
N THR A 49 -0.30 -14.93 -52.64
CA THR A 49 0.98 -14.28 -52.92
C THR A 49 0.92 -13.35 -54.12
N ALA A 50 -0.24 -13.22 -54.76
CA ALA A 50 -0.39 -12.37 -55.94
C ALA A 50 -1.71 -11.64 -55.86
N VAL A 51 -1.80 -10.55 -56.62
CA VAL A 51 -3.02 -9.74 -56.62
C VAL A 51 -4.18 -10.56 -57.16
N PRO A 52 -5.34 -10.60 -56.50
CA PRO A 52 -6.47 -11.35 -57.04
C PRO A 52 -7.00 -10.74 -58.31
N GLU A 53 -7.52 -11.60 -59.19
CA GLU A 53 -8.09 -11.20 -60.46
C GLU A 53 -9.58 -11.48 -60.46
N GLY A 54 -10.22 -11.23 -61.60
CA GLY A 54 -11.65 -11.44 -61.72
C GLY A 54 -12.51 -10.42 -61.02
N LEU A 55 -11.92 -9.33 -60.54
CA LEU A 55 -12.65 -8.29 -59.83
C LEU A 55 -13.09 -7.21 -60.80
N SER A 56 -14.31 -6.71 -60.60
CA SER A 56 -14.83 -5.66 -61.46
C SER A 56 -14.00 -4.38 -61.30
N ALA A 57 -13.78 -3.70 -62.43
CA ALA A 57 -13.05 -2.43 -62.39
C ALA A 57 -13.77 -1.38 -61.56
N PHE A 58 -15.08 -1.55 -61.35
CA PHE A 58 -15.87 -0.62 -60.55
C PHE A 58 -15.48 -0.63 -59.08
N THR A 59 -14.69 -1.59 -58.65
CA THR A 59 -14.32 -1.72 -57.24
C THR A 59 -13.66 -0.44 -56.72
N GLN A 60 -14.07 -0.03 -55.51
CA GLN A 60 -13.55 1.18 -54.88
C GLN A 60 -12.63 0.89 -53.71
N ALA A 61 -12.80 -0.24 -53.03
CA ALA A 61 -11.99 -0.58 -51.87
C ALA A 61 -11.50 -2.01 -52.00
N LEU A 62 -10.28 -2.25 -51.51
CA LEU A 62 -9.68 -3.58 -51.56
C LEU A 62 -8.91 -3.83 -50.27
N ASP A 63 -9.13 -5.00 -49.68
CA ASP A 63 -8.38 -5.44 -48.51
C ASP A 63 -7.85 -6.84 -48.79
N ILE A 64 -6.54 -6.97 -48.91
CA ILE A 64 -5.90 -8.24 -49.20
C ILE A 64 -4.83 -8.51 -48.16
N SER A 65 -5.03 -8.00 -46.95
CA SER A 65 -4.06 -8.17 -45.88
C SER A 65 -4.02 -9.63 -45.43
N MET A 66 -3.13 -9.91 -44.46
CA MET A 66 -2.96 -11.25 -43.91
C MET A 66 -2.74 -12.29 -45.01
N ASN A 67 -1.87 -11.95 -45.96
CA ASN A 67 -1.53 -12.83 -47.06
C ASN A 67 -0.01 -12.86 -47.20
N ASN A 68 0.47 -13.65 -48.16
CA ASN A 68 1.90 -13.87 -48.34
C ASN A 68 2.42 -13.21 -49.62
N ILE A 69 1.90 -12.02 -49.94
CA ILE A 69 2.36 -11.29 -51.12
C ILE A 69 3.69 -10.63 -50.77
N THR A 70 4.78 -11.23 -51.23
CA THR A 70 6.12 -10.77 -50.88
C THR A 70 6.58 -9.59 -51.73
N GLN A 71 6.21 -9.56 -53.00
CA GLN A 71 6.71 -8.53 -53.92
C GLN A 71 5.59 -8.14 -54.87
N LEU A 72 5.50 -6.84 -55.17
CA LEU A 72 4.45 -6.32 -56.02
C LEU A 72 4.93 -6.22 -57.46
N PRO A 73 4.37 -6.99 -58.39
CA PRO A 73 4.76 -6.86 -59.80
C PRO A 73 4.26 -5.55 -60.39
N GLU A 74 4.94 -5.12 -61.45
CA GLU A 74 4.58 -3.88 -62.12
C GLU A 74 3.17 -3.96 -62.67
N ASP A 75 2.42 -2.86 -62.53
CA ASP A 75 1.04 -2.75 -63.03
C ASP A 75 0.16 -3.84 -62.44
N ALA A 76 0.30 -4.08 -61.13
CA ALA A 76 -0.50 -5.11 -60.48
C ALA A 76 -1.96 -4.73 -60.40
N PHE A 77 -2.31 -3.47 -60.60
CA PHE A 77 -3.68 -2.98 -60.43
C PHE A 77 -4.13 -2.19 -61.64
N LYS A 78 -3.81 -2.68 -62.84
CA LYS A 78 -4.17 -1.96 -64.05
C LYS A 78 -5.67 -1.96 -64.29
N ASN A 79 -6.32 -3.10 -64.05
CA ASN A 79 -7.74 -3.27 -64.36
C ASN A 79 -8.65 -2.71 -63.29
N PHE A 80 -8.14 -1.83 -62.44
CA PHE A 80 -8.88 -1.34 -61.28
C PHE A 80 -8.62 0.15 -61.12
N PRO A 81 -9.33 0.99 -61.87
CA PRO A 81 -9.06 2.43 -61.82
C PRO A 81 -9.69 3.16 -60.65
N PHE A 82 -10.70 2.60 -60.01
CA PHE A 82 -11.55 3.37 -59.10
C PHE A 82 -11.31 3.09 -57.62
N LEU A 83 -10.16 2.54 -57.24
CA LEU A 83 -9.92 2.33 -55.81
C LEU A 83 -9.75 3.65 -55.09
N GLU A 84 -10.01 3.61 -53.78
CA GLU A 84 -9.71 4.78 -52.93
C GLU A 84 -9.13 4.20 -51.65
N GLU A 85 -9.45 2.92 -51.39
CA GLU A 85 -8.95 2.25 -50.19
C GLU A 85 -8.11 1.05 -50.62
N LEU A 86 -6.89 0.98 -50.12
CA LEU A 86 -5.99 -0.14 -50.38
C LEU A 86 -5.37 -0.60 -49.07
N GLN A 87 -5.42 -1.90 -48.82
CA GLN A 87 -4.91 -2.47 -47.58
C GLN A 87 -3.89 -3.57 -47.89
N LEU A 88 -2.73 -3.49 -47.25
CA LEU A 88 -1.65 -4.42 -47.51
C LEU A 88 -0.93 -4.84 -46.24
N ALA A 89 -1.55 -4.71 -45.08
CA ALA A 89 -0.87 -4.99 -43.82
C ALA A 89 -0.55 -6.47 -43.69
N GLY A 90 0.55 -6.76 -42.99
CA GLY A 90 0.90 -8.13 -42.66
C GLY A 90 1.10 -9.03 -43.85
N ASN A 91 1.85 -8.56 -44.85
CA ASN A 91 2.10 -9.35 -46.04
C ASN A 91 3.58 -9.57 -46.32
N ASP A 92 4.47 -9.13 -45.43
CA ASP A 92 5.91 -9.34 -45.58
C ASP A 92 6.42 -8.76 -46.89
N LEU A 93 5.86 -7.63 -47.29
CA LEU A 93 6.29 -6.96 -48.51
C LEU A 93 7.72 -6.46 -48.34
N SER A 94 8.53 -6.66 -49.37
CA SER A 94 9.92 -6.25 -49.34
C SER A 94 10.31 -5.33 -50.48
N PHE A 95 9.80 -5.59 -51.69
CA PHE A 95 10.11 -4.77 -52.84
C PHE A 95 8.83 -4.46 -53.62
N ILE A 96 8.72 -3.22 -54.07
CA ILE A 96 7.59 -2.78 -54.89
C ILE A 96 8.16 -2.17 -56.17
N HIS A 97 7.61 -2.59 -57.31
CA HIS A 97 8.02 -2.02 -58.57
C HIS A 97 7.64 -0.54 -58.60
N PRO A 98 8.54 0.33 -59.08
CA PRO A 98 8.21 1.77 -59.09
C PRO A 98 6.97 2.11 -59.89
N LYS A 99 6.71 1.37 -60.97
CA LYS A 99 5.53 1.59 -61.80
C LYS A 99 4.39 0.63 -61.47
N ALA A 100 4.52 -0.14 -60.39
CA ALA A 100 3.46 -1.06 -60.01
C ALA A 100 2.20 -0.32 -59.59
N LEU A 101 2.30 0.94 -59.21
CA LEU A 101 1.16 1.74 -58.78
C LEU A 101 0.73 2.76 -59.82
N SER A 102 1.10 2.56 -61.08
CA SER A 102 0.70 3.48 -62.13
C SER A 102 -0.79 3.37 -62.40
N GLY A 103 -1.43 4.51 -62.64
CA GLY A 103 -2.83 4.55 -62.97
C GLY A 103 -3.78 4.67 -61.79
N LEU A 104 -3.26 4.61 -60.56
CA LEU A 104 -4.11 4.74 -59.37
C LEU A 104 -4.09 6.19 -58.91
N LYS A 105 -4.96 6.99 -59.53
CA LYS A 105 -5.08 8.40 -59.20
C LYS A 105 -6.23 8.70 -58.26
N GLU A 106 -7.04 7.71 -57.90
CA GLU A 106 -8.17 7.89 -57.01
C GLU A 106 -7.90 7.40 -55.60
N LEU A 107 -6.73 6.83 -55.35
CA LEU A 107 -6.43 6.30 -54.02
C LEU A 107 -6.35 7.44 -53.00
N LYS A 108 -6.88 7.18 -51.81
CA LYS A 108 -6.80 8.15 -50.72
C LYS A 108 -6.12 7.60 -49.49
N VAL A 109 -6.34 6.33 -49.16
CA VAL A 109 -5.78 5.72 -47.95
C VAL A 109 -4.99 4.47 -48.36
N LEU A 110 -3.78 4.35 -47.81
CA LEU A 110 -2.90 3.23 -48.12
C LEU A 110 -2.27 2.75 -46.83
N THR A 111 -2.40 1.46 -46.55
CA THR A 111 -1.82 0.85 -45.36
C THR A 111 -0.76 -0.16 -45.78
N LEU A 112 0.45 0.00 -45.24
CA LEU A 112 1.58 -0.85 -45.59
C LEU A 112 2.34 -1.30 -44.35
N GLN A 113 1.65 -1.42 -43.22
CA GLN A 113 2.33 -1.83 -42.00
C GLN A 113 2.61 -3.33 -42.02
N ASN A 114 3.51 -3.74 -41.12
CA ASN A 114 3.88 -5.14 -40.95
C ASN A 114 4.43 -5.73 -42.26
N ASN A 115 5.53 -5.14 -42.71
CA ASN A 115 6.26 -5.64 -43.87
C ASN A 115 7.75 -5.35 -43.65
N GLN A 116 8.56 -5.59 -44.67
CA GLN A 116 10.01 -5.44 -44.57
C GLN A 116 10.52 -4.53 -45.67
N LEU A 117 9.85 -3.38 -45.84
CA LEU A 117 10.31 -2.42 -46.84
C LEU A 117 11.69 -1.90 -46.52
N LYS A 118 11.94 -1.55 -45.26
CA LYS A 118 13.23 -1.04 -44.78
C LYS A 118 13.54 0.32 -45.37
N THR A 119 12.69 0.79 -46.29
CA THR A 119 12.85 2.08 -46.93
C THR A 119 11.52 2.48 -47.56
N VAL A 120 11.26 3.77 -47.57
CA VAL A 120 10.00 4.29 -48.12
C VAL A 120 10.08 4.23 -49.64
N PRO A 121 9.16 3.52 -50.30
CA PRO A 121 9.18 3.49 -51.76
C PRO A 121 8.68 4.79 -52.37
N SER A 122 9.55 5.80 -52.38
CA SER A 122 9.15 7.12 -52.89
C SER A 122 8.79 7.06 -54.36
N GLU A 123 9.56 6.29 -55.14
CA GLU A 123 9.32 6.24 -56.58
C GLU A 123 7.95 5.63 -56.89
N ALA A 124 7.57 4.58 -56.16
CA ALA A 124 6.29 3.93 -56.41
C ALA A 124 5.11 4.84 -56.07
N ILE A 125 5.25 5.65 -55.03
CA ILE A 125 4.17 6.51 -54.57
C ILE A 125 4.24 7.91 -55.16
N ARG A 126 5.07 8.10 -56.20
CA ARG A 126 5.25 9.43 -56.77
C ARG A 126 3.96 9.95 -57.40
N GLY A 127 3.22 9.09 -58.08
CA GLY A 127 2.03 9.48 -58.78
C GLY A 127 0.75 9.48 -57.96
N LEU A 128 0.83 9.25 -56.65
CA LEU A 128 -0.36 9.17 -55.80
C LEU A 128 -0.77 10.58 -55.40
N SER A 129 -1.43 11.27 -56.31
CA SER A 129 -1.82 12.66 -56.06
C SER A 129 -2.94 12.77 -55.03
N ALA A 130 -3.90 11.86 -55.08
CA ALA A 130 -5.08 11.93 -54.23
C ALA A 130 -4.90 11.25 -52.88
N LEU A 131 -3.71 10.72 -52.59
CA LEU A 131 -3.47 10.04 -51.32
C LEU A 131 -3.68 11.01 -50.16
N GLN A 132 -4.41 10.57 -49.14
CA GLN A 132 -4.66 11.36 -47.96
C GLN A 132 -4.08 10.75 -46.69
N SER A 133 -4.21 9.43 -46.52
CA SER A 133 -3.74 8.75 -45.32
C SER A 133 -2.76 7.66 -45.73
N LEU A 134 -1.53 7.75 -45.22
CA LEU A 134 -0.48 6.80 -45.51
C LEU A 134 -0.03 6.13 -44.22
N ARG A 135 -0.03 4.81 -44.21
CA ARG A 135 0.41 4.03 -43.06
C ARG A 135 1.70 3.31 -43.41
N LEU A 136 2.76 3.60 -42.66
CA LEU A 136 4.07 3.02 -42.94
C LEU A 136 4.78 2.61 -41.65
N ASP A 137 4.03 2.26 -40.63
CA ASP A 137 4.63 1.89 -39.36
C ASP A 137 5.00 0.40 -39.33
N ALA A 138 5.88 0.06 -38.39
CA ALA A 138 6.25 -1.32 -38.11
C ALA A 138 6.73 -2.04 -39.37
N ASN A 139 7.75 -1.44 -40.00
CA ASN A 139 8.29 -2.05 -41.22
C ASN A 139 9.81 -1.97 -41.28
N HIS A 140 10.48 -1.72 -40.15
CA HIS A 140 11.93 -1.75 -40.06
C HIS A 140 12.59 -0.75 -41.01
N ILE A 141 11.91 0.37 -41.27
CA ILE A 141 12.48 1.39 -42.13
C ILE A 141 13.61 2.10 -41.40
N THR A 142 14.73 2.31 -42.10
CA THR A 142 15.90 2.96 -41.52
C THR A 142 16.09 4.38 -42.05
N SER A 143 15.97 4.58 -43.36
CA SER A 143 16.16 5.89 -43.96
C SER A 143 15.22 6.04 -45.14
N VAL A 144 15.01 7.29 -45.55
CA VAL A 144 14.14 7.59 -46.68
C VAL A 144 14.88 8.49 -47.66
N PRO A 145 14.56 8.43 -48.95
CA PRO A 145 15.19 9.33 -49.92
C PRO A 145 14.76 10.77 -49.69
N GLU A 146 15.61 11.69 -50.13
CA GLU A 146 15.33 13.12 -49.98
C GLU A 146 14.11 13.54 -50.79
N ASP A 147 13.93 12.97 -51.98
CA ASP A 147 12.83 13.32 -52.86
C ASP A 147 11.55 12.56 -52.52
N SER A 148 11.46 11.99 -51.32
CA SER A 148 10.28 11.23 -50.94
C SER A 148 9.05 12.13 -50.81
N PHE A 149 7.89 11.55 -51.10
CA PHE A 149 6.58 12.19 -50.91
C PHE A 149 6.40 13.43 -51.78
N GLU A 150 7.15 13.55 -52.87
CA GLU A 150 6.97 14.68 -53.77
C GLU A 150 5.65 14.53 -54.52
N GLY A 151 4.86 15.60 -54.53
CA GLY A 151 3.59 15.62 -55.22
C GLY A 151 2.40 15.13 -54.41
N LEU A 152 2.62 14.64 -53.20
CA LEU A 152 1.53 14.18 -52.34
C LEU A 152 0.79 15.38 -51.77
N VAL A 153 -0.03 15.99 -52.63
CA VAL A 153 -0.71 17.23 -52.28
C VAL A 153 -1.92 17.03 -51.38
N GLN A 154 -2.42 15.81 -51.26
CA GLN A 154 -3.65 15.56 -50.50
C GLN A 154 -3.39 14.86 -49.18
N LEU A 155 -2.14 14.64 -48.80
CA LEU A 155 -1.83 13.88 -47.60
C LEU A 155 -2.28 14.65 -46.36
N ARG A 156 -2.87 13.93 -45.41
CA ARG A 156 -3.30 14.50 -44.15
C ARG A 156 -2.76 13.75 -42.94
N HIS A 157 -2.61 12.42 -43.05
CA HIS A 157 -2.15 11.60 -41.94
C HIS A 157 -0.96 10.78 -42.39
N LEU A 158 -0.21 10.27 -41.41
CA LEU A 158 1.01 9.54 -41.72
C LEU A 158 1.41 8.71 -40.52
N TRP A 159 1.53 7.39 -40.70
CA TRP A 159 2.02 6.49 -39.67
C TRP A 159 3.48 6.17 -39.96
N LEU A 160 4.36 6.51 -39.03
CA LEU A 160 5.78 6.23 -39.20
C LEU A 160 6.43 5.75 -37.93
N ASP A 161 5.69 5.04 -37.08
CA ASP A 161 6.23 4.56 -35.82
C ASP A 161 6.87 3.18 -36.00
N ASP A 162 7.59 2.76 -34.96
CA ASP A 162 8.18 1.43 -34.88
C ASP A 162 9.09 1.15 -36.08
N ASN A 163 10.16 1.94 -36.18
CA ASN A 163 11.16 1.75 -37.22
C ASN A 163 12.51 2.18 -36.66
N SER A 164 13.54 2.06 -37.50
CA SER A 164 14.90 2.35 -37.09
C SER A 164 15.37 3.73 -37.53
N LEU A 165 14.46 4.70 -37.58
CA LEU A 165 14.84 6.05 -37.97
C LEU A 165 15.71 6.67 -36.89
N THR A 166 16.85 7.24 -37.31
CA THR A 166 17.74 7.94 -36.41
C THR A 166 17.71 9.45 -36.57
N GLU A 167 17.35 9.94 -37.76
CA GLU A 167 17.26 11.36 -38.03
C GLU A 167 15.88 11.67 -38.59
N VAL A 168 15.39 12.88 -38.29
CA VAL A 168 14.08 13.31 -38.76
C VAL A 168 14.18 13.63 -40.24
N PRO A 169 13.36 13.00 -41.09
CA PRO A 169 13.42 13.31 -42.53
C PRO A 169 12.85 14.67 -42.85
N VAL A 170 13.65 15.72 -42.59
CA VAL A 170 13.15 17.09 -42.73
C VAL A 170 12.83 17.39 -44.19
N HIS A 171 13.74 17.07 -45.10
CA HIS A 171 13.53 17.40 -46.50
C HIS A 171 12.31 16.70 -47.09
N PRO A 172 12.12 15.38 -46.92
CA PRO A 172 10.88 14.78 -47.44
C PRO A 172 9.62 15.38 -46.83
N LEU A 173 9.66 15.71 -45.53
CA LEU A 173 8.50 16.27 -44.87
C LEU A 173 8.21 17.70 -45.31
N SER A 174 9.21 18.40 -45.85
CA SER A 174 9.02 19.78 -46.27
C SER A 174 8.05 19.92 -47.44
N ASN A 175 7.68 18.82 -48.10
CA ASN A 175 6.86 18.85 -49.30
C ASN A 175 5.41 18.47 -49.01
N LEU A 176 4.97 18.53 -47.76
CA LEU A 176 3.62 18.14 -47.37
C LEU A 176 2.97 19.27 -46.58
N PRO A 177 2.62 20.37 -47.25
CA PRO A 177 1.93 21.46 -46.54
C PRO A 177 0.56 21.09 -46.02
N THR A 178 -0.10 20.08 -46.59
CA THR A 178 -1.45 19.70 -46.19
C THR A 178 -1.47 18.62 -45.13
N LEU A 179 -0.31 18.13 -44.69
CA LEU A 179 -0.27 17.10 -43.66
C LEU A 179 -0.86 17.65 -42.36
N GLN A 180 -1.64 16.82 -41.68
CA GLN A 180 -2.26 17.23 -40.43
C GLN A 180 -1.80 16.41 -39.23
N ALA A 181 -1.66 15.10 -39.37
CA ALA A 181 -1.33 14.22 -38.25
C ALA A 181 -0.11 13.38 -38.59
N LEU A 182 0.91 13.45 -37.73
CA LEU A 182 2.16 12.77 -37.96
C LEU A 182 2.66 12.14 -36.66
N THR A 183 3.09 10.89 -36.73
CA THR A 183 3.63 10.18 -35.57
C THR A 183 5.00 9.63 -35.91
N LEU A 184 5.92 9.72 -34.96
CA LEU A 184 7.28 9.20 -35.10
C LEU A 184 7.68 8.41 -33.87
N ALA A 185 6.74 7.66 -33.31
CA ALA A 185 7.00 6.94 -32.07
C ALA A 185 7.90 5.73 -32.33
N LEU A 186 8.49 5.23 -31.24
CA LEU A 186 9.27 4.00 -31.24
C LEU A 186 10.35 4.03 -32.33
N ASN A 187 11.27 4.98 -32.19
CA ASN A 187 12.34 5.13 -33.16
C ASN A 187 13.59 5.61 -32.44
N LYS A 188 14.74 5.48 -33.12
CA LYS A 188 16.03 5.83 -32.56
C LYS A 188 16.41 7.29 -32.79
N ILE A 189 15.42 8.16 -32.98
CA ILE A 189 15.71 9.58 -33.13
C ILE A 189 16.21 10.13 -31.80
N SER A 190 17.29 10.90 -31.85
CA SER A 190 17.91 11.44 -30.64
C SER A 190 18.04 12.95 -30.65
N SER A 191 18.20 13.59 -31.80
CA SER A 191 18.38 15.03 -31.88
C SER A 191 17.47 15.61 -32.95
N ILE A 192 17.02 16.85 -32.72
CA ILE A 192 16.15 17.56 -33.64
C ILE A 192 16.81 18.88 -34.01
N PRO A 193 17.15 19.11 -35.26
CA PRO A 193 17.79 20.38 -35.66
C PRO A 193 16.75 21.48 -35.80
N ASP A 194 17.25 22.67 -36.13
CA ASP A 194 16.38 23.83 -36.31
C ASP A 194 15.50 23.69 -37.55
N PHE A 195 14.29 24.21 -37.45
CA PHE A 195 13.35 24.25 -38.58
C PHE A 195 13.10 22.87 -39.16
N ALA A 196 12.97 21.87 -38.29
CA ALA A 196 12.72 20.52 -38.73
C ALA A 196 11.36 20.37 -39.39
N PHE A 197 10.41 21.25 -39.08
CA PHE A 197 9.06 21.17 -39.63
C PHE A 197 8.59 22.56 -40.04
N THR A 198 9.45 23.32 -40.70
CA THR A 198 9.13 24.70 -41.06
C THR A 198 8.01 24.82 -42.08
N ASN A 199 7.64 23.73 -42.75
CA ASN A 199 6.61 23.78 -43.78
C ASN A 199 5.32 23.08 -43.37
N LEU A 200 5.19 22.66 -42.12
CA LEU A 200 4.00 21.91 -41.68
C LEU A 200 2.96 22.88 -41.11
N SER A 201 2.45 23.73 -42.00
CA SER A 201 1.47 24.73 -41.58
C SER A 201 0.17 24.07 -41.14
N SER A 202 -0.30 23.06 -41.87
CA SER A 202 -1.57 22.41 -41.56
C SER A 202 -1.44 21.35 -40.50
N LEU A 203 -0.24 21.11 -39.97
CA LEU A 203 -0.06 20.11 -38.94
C LEU A 203 -0.93 20.43 -37.73
N VAL A 204 -1.57 19.40 -37.19
CA VAL A 204 -2.44 19.52 -36.04
C VAL A 204 -1.85 18.84 -34.81
N VAL A 205 -1.52 17.56 -34.93
CA VAL A 205 -1.05 16.74 -33.82
C VAL A 205 0.24 16.06 -34.23
N LEU A 206 1.23 16.09 -33.34
CA LEU A 206 2.53 15.46 -33.58
C LEU A 206 2.85 14.51 -32.43
N HIS A 207 3.25 13.29 -32.76
CA HIS A 207 3.56 12.27 -31.77
C HIS A 207 5.04 11.93 -31.84
N LEU A 208 5.71 11.91 -30.69
CA LEU A 208 7.12 11.57 -30.64
C LEU A 208 7.45 10.65 -29.46
N HIS A 209 6.47 10.04 -28.82
CA HIS A 209 6.71 9.31 -27.59
C HIS A 209 7.56 8.07 -27.85
N ASN A 210 8.25 7.64 -26.80
CA ASN A 210 9.12 6.46 -26.83
C ASN A 210 10.21 6.60 -27.90
N ASN A 211 11.07 7.60 -27.68
CA ASN A 211 12.20 7.83 -28.56
C ASN A 211 13.42 8.18 -27.71
N LYS A 212 14.58 8.24 -28.35
CA LYS A 212 15.84 8.50 -27.69
C LYS A 212 16.23 9.97 -27.72
N ILE A 213 15.24 10.86 -27.76
CA ILE A 213 15.51 12.29 -27.90
C ILE A 213 16.02 12.83 -26.58
N ARG A 214 17.17 13.52 -26.62
CA ARG A 214 17.72 14.19 -25.46
C ARG A 214 18.07 15.65 -25.68
N SER A 215 18.18 16.10 -26.93
CA SER A 215 18.55 17.47 -27.23
C SER A 215 17.58 18.05 -28.24
N LEU A 216 17.18 19.30 -28.01
CA LEU A 216 16.28 20.02 -28.90
C LEU A 216 16.84 21.41 -29.17
N SER A 217 16.83 21.81 -30.43
CA SER A 217 17.33 23.13 -30.79
C SER A 217 16.36 24.22 -30.34
N GLN A 218 16.86 25.45 -30.30
CA GLN A 218 16.05 26.57 -29.83
C GLN A 218 14.90 26.89 -30.77
N HIS A 219 14.97 26.48 -32.03
CA HIS A 219 13.94 26.77 -33.01
C HIS A 219 13.57 25.53 -33.80
N CYS A 220 13.47 24.39 -33.11
CA CYS A 220 13.08 23.16 -33.78
C CYS A 220 11.61 23.18 -34.19
N PHE A 221 10.76 23.79 -33.38
CA PHE A 221 9.31 23.76 -33.60
C PHE A 221 8.77 25.02 -34.24
N ASP A 222 9.63 25.89 -34.75
CA ASP A 222 9.16 27.16 -35.33
C ASP A 222 8.30 26.89 -36.56
N GLY A 223 7.16 27.58 -36.65
CA GLY A 223 6.28 27.48 -37.78
C GLY A 223 5.03 26.64 -37.55
N LEU A 224 5.01 25.83 -36.49
CA LEU A 224 3.86 24.96 -36.22
C LEU A 224 2.74 25.74 -35.53
N ASP A 225 2.26 26.77 -36.22
CA ASP A 225 1.24 27.65 -35.65
C ASP A 225 -0.08 26.94 -35.45
N ASN A 226 -0.31 25.82 -36.13
CA ASN A 226 -1.56 25.07 -36.00
C ASN A 226 -1.39 23.82 -35.15
N LEU A 227 -0.31 23.70 -34.40
CA LEU A 227 -0.10 22.53 -33.57
C LEU A 227 -0.98 22.57 -32.34
N GLU A 228 -1.65 21.46 -32.06
CA GLU A 228 -2.53 21.34 -30.91
C GLU A 228 -2.03 20.36 -29.86
N THR A 229 -1.56 19.19 -30.27
CA THR A 229 -1.18 18.13 -29.34
C THR A 229 0.24 17.69 -29.63
N LEU A 230 1.05 17.60 -28.58
CA LEU A 230 2.44 17.15 -28.68
C LEU A 230 2.69 16.11 -27.60
N ASP A 231 3.37 15.02 -27.97
CA ASP A 231 3.71 13.97 -27.02
C ASP A 231 5.20 13.70 -27.08
N LEU A 232 5.83 13.63 -25.90
CA LEU A 232 7.26 13.39 -25.84
C LEU A 232 7.64 12.42 -24.74
N ASN A 233 6.73 11.55 -24.33
CA ASN A 233 7.00 10.65 -23.21
C ASN A 233 8.09 9.66 -23.56
N TYR A 234 8.77 9.17 -22.54
CA TYR A 234 9.84 8.17 -22.67
C TYR A 234 10.95 8.69 -23.58
N ASN A 235 11.60 9.75 -23.11
CA ASN A 235 12.72 10.34 -23.80
C ASN A 235 13.77 10.74 -22.77
N ASN A 236 14.80 11.45 -23.21
CA ASN A 236 15.96 11.75 -22.39
C ASN A 236 16.19 13.25 -22.27
N LEU A 237 15.12 14.03 -22.17
CA LEU A 237 15.24 15.47 -22.05
C LEU A 237 15.61 15.81 -20.61
N GLY A 238 16.88 16.13 -20.39
CA GLY A 238 17.34 16.51 -19.07
C GLY A 238 17.16 17.98 -18.80
N GLU A 239 17.05 18.78 -19.86
CA GLU A 239 16.88 20.22 -19.75
C GLU A 239 15.60 20.63 -20.47
N PHE A 240 14.85 21.54 -19.86
CA PHE A 240 13.57 21.94 -20.43
C PHE A 240 13.80 22.67 -21.75
N PRO A 241 13.06 22.33 -22.80
CA PRO A 241 13.29 22.97 -24.10
C PRO A 241 12.62 24.34 -24.14
N GLN A 242 13.35 25.32 -24.67
CA GLN A 242 12.77 26.65 -24.87
C GLN A 242 12.06 26.79 -26.21
N ALA A 243 12.23 25.82 -27.12
CA ALA A 243 11.63 25.93 -28.44
C ALA A 243 10.11 25.86 -28.39
N ILE A 244 9.54 25.35 -27.31
CA ILE A 244 8.09 25.24 -27.20
C ILE A 244 7.41 26.60 -27.14
N LYS A 245 8.16 27.66 -26.85
CA LYS A 245 7.58 28.98 -26.67
C LYS A 245 6.95 29.53 -27.95
N ALA A 246 7.17 28.88 -29.09
CA ALA A 246 6.61 29.32 -30.37
C ALA A 246 5.46 28.41 -30.81
N LEU A 247 4.62 27.98 -29.86
CA LEU A 247 3.47 27.12 -30.15
C LEU A 247 2.22 27.75 -29.55
N PRO A 248 1.74 28.84 -30.14
CA PRO A 248 0.57 29.53 -29.56
C PRO A 248 -0.68 28.68 -29.51
N SER A 249 -0.87 27.75 -30.43
CA SER A 249 -2.08 26.94 -30.49
C SER A 249 -1.98 25.67 -29.68
N LEU A 250 -0.88 25.46 -28.96
CA LEU A 250 -0.72 24.26 -28.16
C LEU A 250 -1.81 24.17 -27.11
N LYS A 251 -2.32 22.97 -26.92
CA LYS A 251 -3.36 22.75 -25.91
C LYS A 251 -3.01 21.65 -24.93
N GLU A 252 -2.36 20.58 -25.39
CA GLU A 252 -1.99 19.47 -24.52
C GLU A 252 -0.54 19.11 -24.77
N LEU A 253 0.22 18.92 -23.69
CA LEU A 253 1.62 18.57 -23.76
C LEU A 253 1.92 17.44 -22.80
N GLY A 254 2.63 16.43 -23.26
CA GLY A 254 3.04 15.34 -22.41
C GLY A 254 4.49 14.95 -22.59
N PHE A 255 5.29 15.06 -21.52
CA PHE A 255 6.68 14.61 -21.59
C PHE A 255 7.05 13.81 -20.35
N HIS A 256 6.07 13.16 -19.73
CA HIS A 256 6.34 12.39 -18.53
C HIS A 256 7.23 11.20 -18.85
N SER A 257 7.76 10.58 -17.79
CA SER A 257 8.70 9.47 -17.92
C SER A 257 9.93 9.89 -18.71
N ASN A 258 10.50 11.02 -18.31
CA ASN A 258 11.69 11.56 -18.93
C ASN A 258 12.70 11.89 -17.83
N SER A 259 13.79 12.55 -18.20
CA SER A 259 14.86 12.89 -17.28
C SER A 259 14.87 14.38 -16.95
N ILE A 260 13.71 15.02 -17.00
CA ILE A 260 13.64 16.46 -16.71
C ILE A 260 13.87 16.68 -15.22
N SER A 261 14.52 17.80 -14.89
CA SER A 261 14.84 18.08 -13.50
C SER A 261 14.45 19.50 -13.09
N VAL A 262 14.48 20.43 -14.04
CA VAL A 262 14.30 21.85 -13.73
C VAL A 262 13.23 22.42 -14.65
N ILE A 263 12.26 23.12 -14.06
CA ILE A 263 11.24 23.84 -14.82
C ILE A 263 11.42 25.32 -14.54
N PRO A 264 12.18 26.04 -15.37
CA PRO A 264 12.42 27.46 -15.10
C PRO A 264 11.17 28.29 -15.31
N ASP A 265 11.15 29.45 -14.66
CA ASP A 265 10.03 30.37 -14.82
C ASP A 265 9.97 30.89 -16.25
N GLY A 266 8.76 31.21 -16.69
CA GLY A 266 8.55 31.65 -18.04
C GLY A 266 8.58 30.57 -19.09
N ALA A 267 8.59 29.30 -18.68
CA ALA A 267 8.62 28.22 -19.65
C ALA A 267 7.36 28.17 -20.50
N PHE A 268 6.21 28.42 -19.89
CA PHE A 268 4.93 28.36 -20.59
C PHE A 268 4.42 29.75 -20.95
N ASP A 269 5.33 30.69 -21.22
CA ASP A 269 4.91 32.03 -21.61
C ASP A 269 4.23 32.02 -22.98
N GLY A 270 4.76 31.24 -23.92
CA GLY A 270 4.29 31.28 -25.29
C GLY A 270 3.09 30.43 -25.62
N ASN A 271 2.60 29.62 -24.68
CA ASN A 271 1.48 28.71 -24.94
C ASN A 271 0.42 28.90 -23.86
N PRO A 272 -0.40 29.94 -23.98
CA PRO A 272 -1.39 30.25 -22.94
C PRO A 272 -2.72 29.53 -23.07
N LEU A 273 -2.82 28.48 -23.88
CA LEU A 273 -4.07 27.75 -24.05
C LEU A 273 -3.92 26.29 -23.66
N LEU A 274 -3.00 26.01 -22.75
CA LEU A 274 -2.74 24.64 -22.34
C LEU A 274 -3.90 24.12 -21.48
N ARG A 275 -4.22 22.84 -21.64
CA ARG A 275 -5.32 22.25 -20.89
C ARG A 275 -4.87 21.10 -20.01
N THR A 276 -3.97 20.26 -20.50
CA THR A 276 -3.54 19.09 -19.73
C THR A 276 -2.05 18.88 -19.93
N ILE A 277 -1.38 18.53 -18.84
CA ILE A 277 0.07 18.36 -18.83
C ILE A 277 0.41 17.00 -18.24
N HIS A 278 1.62 16.53 -18.56
CA HIS A 278 2.10 15.24 -18.08
C HIS A 278 3.58 15.36 -17.79
N LEU A 279 3.94 15.35 -16.51
CA LEU A 279 5.34 15.52 -16.12
C LEU A 279 5.75 14.57 -14.99
N TYR A 280 4.90 13.62 -14.61
CA TYR A 280 5.25 12.69 -13.56
C TYR A 280 6.38 11.76 -14.00
N ASP A 281 6.84 10.93 -13.07
CA ASP A 281 7.93 9.99 -13.32
C ASP A 281 9.16 10.70 -13.86
N ASN A 282 9.49 11.84 -13.25
CA ASN A 282 10.62 12.65 -13.67
C ASN A 282 11.45 13.05 -12.45
N PRO A 283 12.77 13.13 -12.61
CA PRO A 283 13.65 13.57 -11.53
C PRO A 283 13.66 15.08 -11.33
N LEU A 284 12.48 15.68 -11.30
CA LEU A 284 12.36 17.11 -11.08
C LEU A 284 12.67 17.44 -9.63
N SER A 285 13.46 18.49 -9.41
CA SER A 285 13.84 18.92 -8.07
C SER A 285 13.38 20.34 -7.76
N PHE A 286 13.61 21.28 -8.68
CA PHE A 286 13.24 22.67 -8.48
C PHE A 286 12.24 23.10 -9.55
N VAL A 287 11.28 23.92 -9.16
CA VAL A 287 10.26 24.45 -10.05
C VAL A 287 10.22 25.97 -9.88
N GLY A 288 10.13 26.68 -10.99
CA GLY A 288 10.06 28.13 -10.91
C GLY A 288 8.84 28.60 -10.16
N ASN A 289 8.99 29.72 -9.46
CA ASN A 289 7.92 30.23 -8.62
C ASN A 289 6.71 30.67 -9.44
N SER A 290 6.94 31.36 -10.55
CA SER A 290 5.87 31.91 -11.38
C SER A 290 5.67 31.12 -12.66
N ALA A 291 6.06 29.84 -12.67
CA ALA A 291 6.03 29.06 -13.90
C ALA A 291 4.60 28.87 -14.42
N PHE A 292 3.67 28.58 -13.52
CA PHE A 292 2.33 28.16 -13.93
C PHE A 292 1.31 29.28 -13.93
N HIS A 293 1.73 30.52 -13.67
CA HIS A 293 0.79 31.62 -13.62
C HIS A 293 0.25 31.94 -15.00
N ASN A 294 -0.94 32.53 -15.03
CA ASN A 294 -1.60 32.97 -16.27
C ASN A 294 -1.81 31.80 -17.23
N LEU A 295 -2.43 30.73 -16.72
CA LEU A 295 -2.83 29.59 -17.52
C LEU A 295 -4.30 29.34 -17.21
N SER A 296 -5.18 30.03 -17.94
CA SER A 296 -6.60 30.00 -17.61
C SER A 296 -7.21 28.62 -17.80
N ASP A 297 -6.85 27.94 -18.90
CA ASP A 297 -7.55 26.72 -19.28
C ASP A 297 -6.94 25.46 -18.68
N LEU A 298 -5.91 25.58 -17.86
CA LEU A 298 -5.32 24.40 -17.23
C LEU A 298 -6.33 23.77 -16.28
N HIS A 299 -6.34 22.44 -16.23
CA HIS A 299 -7.29 21.72 -15.40
C HIS A 299 -6.66 20.84 -14.33
N SER A 300 -5.50 20.26 -14.58
CA SER A 300 -4.85 19.37 -13.64
C SER A 300 -3.44 19.84 -13.37
N LEU A 301 -2.92 19.48 -12.19
CA LEU A 301 -1.57 19.90 -11.80
C LEU A 301 -1.08 18.93 -10.73
N VAL A 302 -0.07 18.12 -11.08
CA VAL A 302 0.50 17.15 -10.17
C VAL A 302 2.01 17.34 -10.15
N ILE A 303 2.56 17.61 -8.97
CA ILE A 303 4.00 17.78 -8.78
C ILE A 303 4.45 16.81 -7.70
N ARG A 304 5.47 16.02 -8.01
CA ARG A 304 6.04 15.08 -7.05
C ARG A 304 7.55 15.14 -7.13
N GLY A 305 8.21 15.05 -5.98
CA GLY A 305 9.66 15.04 -5.93
C GLY A 305 10.31 16.40 -5.98
N ALA A 306 9.54 17.48 -5.95
CA ALA A 306 10.09 18.84 -6.00
C ALA A 306 10.70 19.18 -4.65
N SER A 307 11.81 18.50 -4.34
CA SER A 307 12.46 18.67 -3.04
C SER A 307 13.00 20.08 -2.88
N MET A 308 13.64 20.63 -3.92
CA MET A 308 14.23 21.95 -3.83
C MET A 308 13.21 23.06 -3.72
N VAL A 309 11.93 22.77 -3.97
CA VAL A 309 10.90 23.79 -3.89
C VAL A 309 10.53 24.01 -2.44
N GLN A 310 10.56 25.28 -2.02
CA GLN A 310 10.15 25.64 -0.67
C GLN A 310 9.10 26.74 -0.63
N GLN A 311 8.81 27.40 -1.76
CA GLN A 311 7.85 28.48 -1.81
C GLN A 311 6.65 28.06 -2.64
N PHE A 312 5.47 28.50 -2.22
CA PHE A 312 4.25 28.18 -2.95
C PHE A 312 4.26 28.83 -4.32
N PRO A 313 4.11 28.08 -5.40
CA PRO A 313 4.11 28.69 -6.73
C PRO A 313 2.90 29.61 -6.91
N ASN A 314 3.14 30.75 -7.56
CA ASN A 314 2.06 31.70 -7.79
C ASN A 314 1.03 31.12 -8.74
N LEU A 315 -0.25 31.45 -8.51
CA LEU A 315 -1.33 30.92 -9.32
C LEU A 315 -2.20 32.03 -9.90
N THR A 316 -1.68 33.26 -9.97
CA THR A 316 -2.43 34.34 -10.58
C THR A 316 -2.68 34.04 -12.06
N GLY A 317 -3.91 34.27 -12.49
CA GLY A 317 -4.29 33.96 -13.86
C GLY A 317 -4.62 32.51 -14.12
N THR A 318 -4.73 31.69 -13.08
CA THR A 318 -5.08 30.28 -13.23
C THR A 318 -6.28 30.02 -12.32
N VAL A 319 -7.48 30.01 -12.90
CA VAL A 319 -8.70 29.94 -12.12
C VAL A 319 -9.59 28.79 -12.59
N HIS A 320 -8.98 27.73 -13.14
CA HIS A 320 -9.76 26.59 -13.56
C HIS A 320 -9.07 25.28 -13.20
N LEU A 321 -8.18 25.30 -12.22
CA LEU A 321 -7.58 24.07 -11.73
C LEU A 321 -8.63 23.24 -11.00
N GLU A 322 -8.71 21.96 -11.35
CA GLU A 322 -9.63 21.05 -10.69
C GLU A 322 -8.94 20.17 -9.65
N SER A 323 -7.73 19.72 -9.94
CA SER A 323 -6.95 18.90 -9.02
C SER A 323 -5.60 19.54 -8.81
N LEU A 324 -5.22 19.72 -7.55
CA LEU A 324 -3.94 20.31 -7.19
C LEU A 324 -3.20 19.34 -6.28
N THR A 325 -1.93 19.09 -6.58
CA THR A 325 -1.14 18.12 -5.81
C THR A 325 0.30 18.59 -5.75
N LEU A 326 0.82 18.75 -4.54
CA LEU A 326 2.21 19.14 -4.32
C LEU A 326 2.78 18.25 -3.22
N THR A 327 3.70 17.36 -3.60
CA THR A 327 4.27 16.40 -2.66
C THR A 327 5.79 16.51 -2.65
N GLY A 328 6.38 16.19 -1.51
CA GLY A 328 7.83 16.17 -1.38
C GLY A 328 8.48 17.52 -1.57
N THR A 329 7.90 18.56 -0.95
CA THR A 329 8.42 19.91 -1.07
C THR A 329 8.71 20.49 0.31
N LYS A 330 9.56 21.50 0.33
CA LYS A 330 9.89 22.24 1.55
C LYS A 330 8.96 23.41 1.77
N ILE A 331 7.74 23.36 1.25
CA ILE A 331 6.79 24.45 1.44
C ILE A 331 6.32 24.47 2.87
N SER A 332 6.37 25.64 3.50
CA SER A 332 5.99 25.80 4.89
C SER A 332 4.61 26.41 5.10
N SER A 333 4.23 27.38 4.27
CA SER A 333 2.98 28.09 4.45
C SER A 333 2.15 28.00 3.17
N ILE A 334 0.87 28.34 3.30
CA ILE A 334 -0.08 28.31 2.19
C ILE A 334 -0.69 29.69 2.08
N PRO A 335 -0.71 30.30 0.89
CA PRO A 335 -1.33 31.62 0.75
C PRO A 335 -2.82 31.58 1.07
N ASN A 336 -3.31 32.69 1.62
CA ASN A 336 -4.70 32.76 2.06
C ASN A 336 -5.67 32.94 0.91
N ASN A 337 -5.18 33.26 -0.29
CA ASN A 337 -6.05 33.52 -1.42
C ASN A 337 -6.44 32.25 -2.17
N LEU A 338 -5.99 31.09 -1.72
CA LEU A 338 -6.23 29.85 -2.46
C LEU A 338 -7.72 29.57 -2.58
N CYS A 339 -8.44 29.58 -1.47
CA CYS A 339 -9.87 29.28 -1.50
C CYS A 339 -10.70 30.40 -2.12
N GLN A 340 -10.16 31.62 -2.18
CA GLN A 340 -10.88 32.72 -2.80
C GLN A 340 -10.62 32.84 -4.29
N GLU A 341 -9.57 32.20 -4.79
CA GLU A 341 -9.27 32.23 -6.23
C GLU A 341 -9.89 31.05 -6.96
N GLN A 342 -9.49 29.83 -6.57
CA GLN A 342 -10.04 28.65 -7.20
C GLN A 342 -11.50 28.50 -6.82
N LYS A 343 -12.33 28.13 -7.79
CA LYS A 343 -13.76 27.98 -7.57
C LYS A 343 -14.23 26.54 -7.71
N MET A 344 -13.81 25.86 -8.77
CA MET A 344 -14.21 24.49 -9.03
C MET A 344 -13.16 23.47 -8.61
N LEU A 345 -12.19 23.89 -7.79
CA LEU A 345 -11.21 22.96 -7.25
C LEU A 345 -11.93 21.84 -6.51
N ARG A 346 -11.58 20.60 -6.83
CA ARG A 346 -12.28 19.43 -6.31
C ARG A 346 -11.45 18.61 -5.35
N THR A 347 -10.25 18.20 -5.76
CA THR A 347 -9.37 17.39 -4.93
C THR A 347 -8.07 18.15 -4.71
N LEU A 348 -7.61 18.17 -3.46
CA LEU A 348 -6.40 18.87 -3.07
C LEU A 348 -5.54 17.95 -2.23
N ASP A 349 -4.24 17.92 -2.52
CA ASP A 349 -3.29 17.12 -1.76
C ASP A 349 -2.04 17.94 -1.51
N LEU A 350 -1.61 17.97 -0.25
CA LEU A 350 -0.40 18.70 0.12
C LEU A 350 0.45 17.89 1.08
N SER A 351 0.48 16.58 0.94
CA SER A 351 1.21 15.73 1.86
C SER A 351 2.71 15.84 1.64
N TYR A 352 3.47 15.27 2.57
CA TYR A 352 4.92 15.16 2.46
C TYR A 352 5.58 16.52 2.31
N ASN A 353 5.20 17.45 3.18
CA ASN A 353 5.72 18.81 3.13
C ASN A 353 5.95 19.28 4.57
N ASN A 354 6.21 20.58 4.71
CA ASN A 354 6.50 21.19 5.99
C ASN A 354 5.46 22.24 6.36
N ILE A 355 4.19 21.94 6.09
CA ILE A 355 3.13 22.87 6.43
C ILE A 355 2.96 22.91 7.95
N ARG A 356 2.91 24.12 8.49
CA ARG A 356 2.72 24.31 9.93
C ARG A 356 1.40 24.94 10.28
N ASP A 357 0.95 25.93 9.52
CA ASP A 357 -0.28 26.65 9.82
C ASP A 357 -1.28 26.44 8.69
N LEU A 358 -2.56 26.41 9.06
CA LEU A 358 -3.64 26.17 8.11
C LEU A 358 -4.41 27.45 7.86
N PRO A 359 -4.40 28.00 6.66
CA PRO A 359 -5.20 29.19 6.37
C PRO A 359 -6.67 28.85 6.30
N SER A 360 -7.50 29.90 6.34
CA SER A 360 -8.94 29.72 6.27
C SER A 360 -9.33 29.07 4.94
N PHE A 361 -10.19 28.07 5.02
CA PHE A 361 -10.64 27.34 3.85
C PHE A 361 -12.05 27.74 3.42
N ASN A 362 -12.55 28.86 3.92
CA ASN A 362 -13.88 29.31 3.53
C ASN A 362 -13.87 29.78 2.08
N GLY A 363 -14.71 29.16 1.25
CA GLY A 363 -14.84 29.51 -0.15
C GLY A 363 -14.71 28.33 -1.09
N CYS A 364 -13.91 27.33 -0.72
CA CYS A 364 -13.67 26.17 -1.57
C CYS A 364 -14.89 25.25 -1.52
N HIS A 365 -15.99 25.75 -2.08
CA HIS A 365 -17.25 25.03 -2.01
C HIS A 365 -17.21 23.74 -2.80
N ALA A 366 -16.48 23.70 -3.92
CA ALA A 366 -16.39 22.51 -4.73
C ALA A 366 -15.40 21.50 -4.18
N LEU A 367 -14.67 21.83 -3.12
CA LEU A 367 -13.66 20.93 -2.58
C LEU A 367 -14.30 19.65 -2.07
N GLU A 368 -13.65 18.54 -2.33
CA GLU A 368 -14.21 17.25 -1.91
C GLU A 368 -13.25 16.42 -1.05
N GLU A 369 -11.97 16.41 -1.38
CA GLU A 369 -11.00 15.59 -0.66
C GLU A 369 -9.77 16.43 -0.34
N ILE A 370 -9.25 16.25 0.88
CA ILE A 370 -8.07 16.94 1.36
C ILE A 370 -7.15 15.93 2.02
N SER A 371 -5.86 15.98 1.67
CA SER A 371 -4.86 15.12 2.26
C SER A 371 -3.70 15.98 2.73
N LEU A 372 -3.42 15.96 4.03
CA LEU A 372 -2.36 16.77 4.61
C LEU A 372 -1.46 15.95 5.50
N GLN A 373 -1.25 14.68 5.16
CA GLN A 373 -0.44 13.81 5.99
C GLN A 373 1.02 14.22 5.97
N ARG A 374 1.73 13.89 7.06
CA ARG A 374 3.16 14.13 7.18
C ARG A 374 3.50 15.61 7.02
N ASN A 375 2.99 16.41 7.96
CA ASN A 375 3.28 17.83 8.00
C ASN A 375 3.52 18.24 9.45
N GLN A 376 3.97 19.49 9.62
CA GLN A 376 4.29 20.02 10.93
C GLN A 376 3.12 20.79 11.55
N ILE A 377 1.89 20.43 11.19
CA ILE A 377 0.72 21.04 11.80
C ILE A 377 0.64 20.61 13.26
N TYR A 378 0.20 21.53 14.12
CA TYR A 378 0.15 21.21 15.54
C TYR A 378 -1.21 21.53 16.15
N GLN A 379 -1.95 22.46 15.55
CA GLN A 379 -3.25 22.86 16.08
C GLN A 379 -4.26 22.94 14.95
N ILE A 380 -5.53 22.78 15.33
CA ILE A 380 -6.66 22.93 14.42
C ILE A 380 -7.60 23.95 15.03
N LYS A 381 -7.89 25.02 14.29
CA LYS A 381 -8.78 26.05 14.80
C LYS A 381 -10.21 25.81 14.36
N GLU A 382 -11.14 26.47 15.05
CA GLU A 382 -12.56 26.26 14.79
C GLU A 382 -12.93 26.68 13.38
N GLY A 383 -12.45 27.82 12.94
CA GLY A 383 -12.81 28.34 11.63
C GLY A 383 -12.04 27.75 10.47
N THR A 384 -11.14 26.79 10.73
CA THR A 384 -10.32 26.25 9.67
C THR A 384 -11.14 25.51 8.62
N PHE A 385 -12.33 25.06 8.98
CA PHE A 385 -13.20 24.32 8.07
C PHE A 385 -14.61 24.88 8.09
N GLN A 386 -14.71 26.21 8.08
CA GLN A 386 -16.01 26.85 8.14
C GLN A 386 -16.77 26.68 6.83
N GLY A 387 -16.11 26.91 5.71
CA GLY A 387 -16.78 26.98 4.42
C GLY A 387 -16.88 25.70 3.62
N LEU A 388 -16.46 24.57 4.19
CA LEU A 388 -16.47 23.31 3.43
C LEU A 388 -17.86 22.71 3.45
N ILE A 389 -18.41 22.46 2.26
CA ILE A 389 -19.73 21.88 2.12
C ILE A 389 -19.74 20.57 1.37
N SER A 390 -18.76 20.30 0.51
CA SER A 390 -18.72 19.06 -0.27
C SER A 390 -17.58 18.15 0.15
N LEU A 391 -17.01 18.37 1.33
CA LEU A 391 -15.95 17.52 1.82
C LEU A 391 -16.47 16.10 2.07
N ARG A 392 -15.69 15.12 1.63
CA ARG A 392 -16.06 13.74 1.88
C ARG A 392 -14.94 12.94 2.53
N ILE A 393 -13.69 13.18 2.14
CA ILE A 393 -12.54 12.45 2.68
C ILE A 393 -11.51 13.46 3.15
N LEU A 394 -11.01 13.28 4.36
CA LEU A 394 -10.04 14.19 4.94
C LEU A 394 -9.06 13.40 5.78
N ASP A 395 -7.77 13.63 5.55
CA ASP A 395 -6.71 12.90 6.24
C ASP A 395 -5.70 13.87 6.83
N LEU A 396 -5.26 13.57 8.06
CA LEU A 396 -4.24 14.36 8.73
C LEU A 396 -3.24 13.46 9.46
N SER A 397 -3.03 12.26 8.93
CA SER A 397 -2.20 11.28 9.62
C SER A 397 -0.76 11.75 9.73
N ARG A 398 -0.09 11.35 10.81
CA ARG A 398 1.31 11.65 11.05
C ARG A 398 1.57 13.16 11.07
N ASN A 399 0.95 13.81 12.05
CA ASN A 399 1.18 15.24 12.26
C ASN A 399 1.54 15.48 13.73
N LEU A 400 1.62 16.74 14.12
CA LEU A 400 1.96 17.10 15.50
C LEU A 400 0.76 17.69 16.22
N ILE A 401 -0.44 17.29 15.83
CA ILE A 401 -1.65 17.85 16.44
C ILE A 401 -1.76 17.36 17.87
N HIS A 402 -1.99 18.28 18.81
CA HIS A 402 -2.26 17.92 20.18
C HIS A 402 -3.52 18.57 20.73
N GLU A 403 -4.15 19.46 19.96
CA GLU A 403 -5.39 20.10 20.41
C GLU A 403 -6.29 20.31 19.20
N ILE A 404 -7.59 20.19 19.43
CA ILE A 404 -8.60 20.41 18.39
C ILE A 404 -9.78 21.12 19.05
N HIS A 405 -10.31 22.12 18.36
CA HIS A 405 -11.50 22.81 18.85
C HIS A 405 -12.69 21.88 18.88
N SER A 406 -13.53 22.02 19.90
CA SER A 406 -14.68 21.15 20.06
C SER A 406 -15.70 21.31 18.93
N ARG A 407 -15.69 22.46 18.26
CA ARG A 407 -16.59 22.72 17.13
C ARG A 407 -15.86 22.74 15.80
N ALA A 408 -14.71 22.07 15.72
CA ALA A 408 -13.93 22.08 14.49
C ALA A 408 -14.70 21.45 13.34
N PHE A 409 -15.45 20.38 13.62
CA PHE A 409 -16.24 19.69 12.60
C PHE A 409 -17.71 20.03 12.67
N ALA A 410 -18.04 21.26 13.08
CA ALA A 410 -19.45 21.64 13.19
C ALA A 410 -20.04 21.93 11.82
N THR A 411 -19.37 22.77 11.04
CA THR A 411 -19.91 23.23 9.76
C THR A 411 -19.41 22.35 8.62
N LEU A 412 -19.77 21.07 8.69
CA LEU A 412 -19.45 20.11 7.66
C LEU A 412 -20.71 19.34 7.27
N GLY A 413 -20.72 18.88 6.02
CA GLY A 413 -21.86 18.16 5.50
C GLY A 413 -21.59 16.68 5.37
N PRO A 414 -21.55 16.19 4.14
CA PRO A 414 -21.39 14.74 3.90
C PRO A 414 -19.96 14.26 4.09
N ILE A 415 -19.42 14.50 5.28
CA ILE A 415 -18.10 13.98 5.61
C ILE A 415 -18.21 12.48 5.89
N THR A 416 -17.40 11.69 5.19
CA THR A 416 -17.50 10.24 5.28
C THR A 416 -16.24 9.60 5.86
N ASN A 417 -15.08 9.90 5.29
CA ASN A 417 -13.83 9.28 5.71
C ASN A 417 -12.96 10.32 6.39
N LEU A 418 -12.45 9.99 7.58
CA LEU A 418 -11.59 10.88 8.33
C LEU A 418 -10.47 10.06 8.96
N ASP A 419 -9.26 10.61 8.94
CA ASP A 419 -8.10 9.93 9.51
C ASP A 419 -7.17 10.97 10.12
N VAL A 420 -6.92 10.84 11.42
CA VAL A 420 -6.01 11.74 12.13
C VAL A 420 -5.01 10.91 12.91
N SER A 421 -4.77 9.69 12.46
CA SER A 421 -3.92 8.75 13.18
C SER A 421 -2.50 9.28 13.30
N PHE A 422 -1.74 8.68 14.22
CA PHE A 422 -0.35 9.04 14.48
C PHE A 422 -0.24 10.51 14.86
N ASN A 423 -0.92 10.87 15.94
CA ASN A 423 -0.91 12.25 16.42
C ASN A 423 -0.96 12.24 17.94
N GLU A 424 -1.13 13.41 18.53
CA GLU A 424 -1.02 13.58 19.98
C GLU A 424 -2.26 14.21 20.57
N LEU A 425 -3.45 13.88 20.05
CA LEU A 425 -4.67 14.37 20.66
C LEU A 425 -4.86 13.76 22.04
N THR A 426 -5.30 14.59 22.98
CA THR A 426 -5.74 14.14 24.28
C THR A 426 -7.25 14.05 24.40
N SER A 427 -7.99 14.47 23.37
CA SER A 427 -9.44 14.44 23.38
C SER A 427 -9.93 14.36 21.94
N PHE A 428 -11.25 14.34 21.78
CA PHE A 428 -11.82 14.28 20.45
C PHE A 428 -13.23 14.85 20.42
N PRO A 429 -13.45 15.96 19.72
CA PRO A 429 -14.82 16.43 19.51
C PRO A 429 -15.61 15.45 18.67
N THR A 430 -16.92 15.41 18.91
CA THR A 430 -17.79 14.46 18.25
C THR A 430 -18.91 15.10 17.43
N GLU A 431 -19.29 16.33 17.73
CA GLU A 431 -20.44 16.95 17.07
C GLU A 431 -20.21 17.03 15.57
N GLY A 432 -21.28 16.77 14.81
CA GLY A 432 -21.24 16.87 13.37
C GLY A 432 -20.51 15.76 12.67
N LEU A 433 -20.32 14.61 13.31
CA LEU A 433 -19.61 13.49 12.73
C LEU A 433 -20.48 12.24 12.62
N ASN A 434 -21.79 12.41 12.67
CA ASN A 434 -22.69 11.25 12.61
C ASN A 434 -22.58 10.52 11.28
N GLY A 435 -22.19 11.22 10.22
CA GLY A 435 -22.06 10.59 8.93
C GLY A 435 -20.77 9.87 8.68
N LEU A 436 -19.87 9.83 9.68
CA LEU A 436 -18.57 9.21 9.49
C LEU A 436 -18.73 7.70 9.28
N ASN A 437 -17.90 7.15 8.40
CA ASN A 437 -17.89 5.72 8.14
C ASN A 437 -16.54 5.09 8.44
N GLN A 438 -15.46 5.70 7.98
CA GLN A 438 -14.10 5.23 8.25
C GLN A 438 -13.43 6.25 9.16
N LEU A 439 -12.91 5.78 10.29
CA LEU A 439 -12.25 6.64 11.26
C LEU A 439 -11.04 5.91 11.81
N LYS A 440 -9.92 6.60 11.89
CA LYS A 440 -8.66 5.99 12.31
C LYS A 440 -7.98 6.86 13.34
N LEU A 441 -7.65 6.26 14.50
CA LEU A 441 -7.02 7.00 15.58
C LEU A 441 -5.75 6.33 16.10
N VAL A 442 -5.16 5.42 15.33
CA VAL A 442 -4.01 4.68 15.82
C VAL A 442 -2.84 5.65 16.04
N GLY A 443 -2.02 5.34 17.05
CA GLY A 443 -0.87 6.15 17.38
C GLY A 443 -1.12 7.22 18.42
N ASN A 444 -2.38 7.53 18.72
CA ASN A 444 -2.70 8.56 19.70
C ASN A 444 -2.66 7.97 21.11
N PHE A 445 -1.43 7.74 21.57
CA PHE A 445 -1.21 7.10 22.86
C PHE A 445 -1.73 7.93 24.02
N LYS A 446 -1.80 9.24 23.86
CA LYS A 446 -2.27 10.11 24.94
C LYS A 446 -3.79 10.25 24.96
N LEU A 447 -4.49 9.66 24.00
CA LEU A 447 -5.95 9.67 24.01
C LEU A 447 -6.44 8.55 24.91
N LYS A 448 -7.31 8.90 25.86
CA LYS A 448 -7.73 7.98 26.90
C LYS A 448 -9.23 7.73 26.95
N GLU A 449 -10.04 8.75 26.74
CA GLU A 449 -11.47 8.61 26.94
C GLU A 449 -12.09 7.70 25.90
N ALA A 450 -13.37 7.41 26.10
CA ALA A 450 -14.14 6.54 25.21
C ALA A 450 -15.10 7.36 24.37
N LEU A 451 -15.63 6.73 23.33
CA LEU A 451 -16.51 7.41 22.37
C LEU A 451 -17.91 6.81 22.42
N ALA A 452 -18.91 7.68 22.48
CA ALA A 452 -20.30 7.24 22.53
C ALA A 452 -20.75 6.75 21.16
N ALA A 453 -21.44 5.60 21.15
CA ALA A 453 -21.90 5.04 19.89
C ALA A 453 -23.06 5.82 19.31
N LYS A 454 -23.82 6.53 20.14
CA LYS A 454 -24.98 7.27 19.66
C LYS A 454 -24.59 8.35 18.66
N ASP A 455 -23.33 8.78 18.67
CA ASP A 455 -22.86 9.82 17.77
C ASP A 455 -22.32 9.25 16.47
N PHE A 456 -21.99 7.96 16.43
CA PHE A 456 -21.31 7.37 15.29
C PHE A 456 -22.14 6.20 14.73
N VAL A 457 -23.42 6.45 14.53
CA VAL A 457 -24.33 5.40 14.06
C VAL A 457 -23.97 4.91 12.68
N ASN A 458 -23.25 5.71 11.89
CA ASN A 458 -22.82 5.30 10.57
C ASN A 458 -21.40 4.74 10.54
N LEU A 459 -20.76 4.63 11.69
CA LEU A 459 -19.38 4.16 11.73
C LEU A 459 -19.30 2.71 11.29
N ARG A 460 -18.40 2.43 10.35
CA ARG A 460 -18.21 1.07 9.84
C ARG A 460 -16.83 0.53 10.14
N SER A 461 -15.77 1.26 9.80
CA SER A 461 -14.40 0.84 10.03
C SER A 461 -13.75 1.78 11.02
N LEU A 462 -13.11 1.23 12.05
CA LEU A 462 -12.53 2.02 13.11
C LEU A 462 -11.23 1.40 13.58
N SER A 463 -10.23 2.25 13.84
CA SER A 463 -8.98 1.84 14.46
C SER A 463 -8.64 2.84 15.56
N VAL A 464 -8.37 2.33 16.75
CA VAL A 464 -8.16 3.19 17.92
C VAL A 464 -6.86 2.76 18.61
N PRO A 465 -6.22 3.67 19.34
CA PRO A 465 -4.95 3.32 19.98
C PRO A 465 -5.06 2.21 21.00
N TYR A 466 -6.18 2.11 21.72
CA TYR A 466 -6.33 1.14 22.79
C TYR A 466 -7.58 0.30 22.54
N ALA A 467 -7.42 -1.03 22.64
CA ALA A 467 -8.48 -1.94 22.24
C ALA A 467 -9.73 -1.78 23.10
N TYR A 468 -9.58 -1.36 24.36
CA TYR A 468 -10.74 -1.24 25.23
C TYR A 468 -11.73 -0.22 24.70
N GLN A 469 -11.25 0.77 23.93
CA GLN A 469 -12.15 1.72 23.31
C GLN A 469 -13.09 1.05 22.31
N CYS A 470 -12.68 -0.07 21.72
CA CYS A 470 -13.51 -0.78 20.75
C CYS A 470 -14.63 -1.58 21.40
N CYS A 471 -14.69 -1.63 22.73
CA CYS A 471 -15.67 -2.47 23.40
C CYS A 471 -17.09 -2.02 23.09
N ALA A 472 -17.33 -0.71 23.05
CA ALA A 472 -18.69 -0.22 22.82
C ALA A 472 -19.22 -0.63 21.45
N PHE A 473 -18.39 -0.54 20.42
CA PHE A 473 -18.82 -0.81 19.05
C PHE A 473 -18.40 -2.24 18.69
N TRP A 474 -19.29 -3.19 18.96
CA TRP A 474 -19.09 -4.56 18.53
C TRP A 474 -20.32 -5.21 17.91
N GLY A 475 -21.52 -4.72 18.22
CA GLY A 475 -22.73 -5.28 17.62
C GLY A 475 -23.03 -6.71 18.01
N CYS A 476 -22.83 -7.06 19.27
CA CYS A 476 -23.13 -8.41 19.73
C CYS A 476 -23.78 -8.38 21.12
N ILE A 520 -18.89 -4.15 11.11
CA ILE A 520 -18.25 -3.13 11.92
C ILE A 520 -16.92 -3.65 12.44
N HIS A 521 -15.86 -3.48 11.65
CA HIS A 521 -14.53 -3.98 12.00
C HIS A 521 -13.85 -2.94 12.89
N CYS A 522 -13.64 -3.29 14.15
CA CYS A 522 -12.95 -2.44 15.10
C CYS A 522 -11.57 -3.03 15.41
N THR A 523 -10.54 -2.22 15.30
CA THR A 523 -9.18 -2.69 15.52
C THR A 523 -8.49 -1.82 16.55
N PRO A 524 -7.61 -2.40 17.38
CA PRO A 524 -7.26 -3.82 17.45
C PRO A 524 -8.36 -4.66 18.08
N SER A 525 -8.39 -5.96 17.79
CA SER A 525 -9.48 -6.80 18.26
C SER A 525 -9.49 -6.91 19.78
N THR A 526 -10.69 -6.85 20.36
CA THR A 526 -10.87 -6.99 21.80
C THR A 526 -10.96 -8.47 22.13
N GLY A 527 -9.79 -9.11 22.17
CA GLY A 527 -9.72 -10.53 22.43
C GLY A 527 -9.96 -10.87 23.88
N ALA A 528 -9.96 -12.18 24.17
CA ALA A 528 -10.15 -12.64 25.53
C ALA A 528 -9.05 -12.13 26.46
N PHE A 529 -7.86 -11.91 25.92
CA PHE A 529 -6.79 -11.33 26.72
C PHE A 529 -7.16 -9.94 27.23
N LYS A 530 -8.01 -9.22 26.50
CA LYS A 530 -8.43 -7.88 26.88
C LYS A 530 -9.96 -7.86 26.88
N PRO A 531 -10.59 -8.41 27.91
CA PRO A 531 -12.04 -8.46 27.96
C PRO A 531 -12.63 -7.09 28.24
N CYS A 532 -13.95 -7.00 28.08
CA CYS A 532 -14.67 -5.75 28.27
C CYS A 532 -15.45 -5.71 29.58
N GLU A 533 -16.27 -6.74 29.84
CA GLU A 533 -17.13 -6.72 31.01
C GLU A 533 -16.47 -7.35 32.23
N TYR A 534 -16.12 -8.63 32.13
CA TYR A 534 -15.55 -9.37 33.25
C TYR A 534 -14.07 -9.62 33.00
N LEU A 535 -13.25 -9.32 34.00
CA LEU A 535 -11.82 -9.57 33.88
C LEU A 535 -11.54 -11.07 33.88
N LEU A 536 -11.91 -11.76 34.95
CA LEU A 536 -11.69 -13.19 35.01
C LEU A 536 -12.57 -13.92 34.00
N GLY A 537 -13.78 -13.43 33.77
CA GLY A 537 -14.66 -14.04 32.78
C GLY A 537 -15.58 -15.10 33.35
N SER A 538 -15.19 -16.37 33.21
CA SER A 538 -16.04 -17.46 33.63
C SER A 538 -16.31 -17.39 35.13
N TRP A 539 -17.55 -17.72 35.51
CA TRP A 539 -17.91 -17.74 36.93
C TRP A 539 -17.08 -18.76 37.68
N MET A 540 -16.93 -19.96 37.12
CA MET A 540 -16.18 -21.00 37.81
C MET A 540 -14.68 -20.72 37.78
N ILE A 541 -14.20 -20.00 36.75
CA ILE A 541 -12.84 -19.48 36.81
C ILE A 541 -12.72 -18.45 37.92
N ARG A 542 -13.73 -17.60 38.06
CA ARG A 542 -13.69 -16.52 39.03
C ARG A 542 -13.55 -17.05 40.46
N LEU A 543 -14.27 -18.12 40.79
CA LEU A 543 -14.23 -18.64 42.14
C LEU A 543 -12.83 -19.15 42.50
N THR A 544 -12.15 -19.79 41.55
CA THR A 544 -10.85 -20.38 41.83
C THR A 544 -9.84 -19.32 42.26
N VAL A 545 -9.79 -18.20 41.54
CA VAL A 545 -8.89 -17.12 41.91
C VAL A 545 -9.27 -16.57 43.28
N TRP A 546 -10.57 -16.39 43.52
CA TRP A 546 -11.01 -16.04 44.86
C TRP A 546 -10.68 -17.14 45.85
N PHE A 547 -10.88 -18.41 45.43
CA PHE A 547 -10.55 -19.53 46.30
C PHE A 547 -9.05 -19.57 46.58
N ILE A 548 -8.22 -19.45 45.55
CA ILE A 548 -6.79 -19.59 45.74
C ILE A 548 -6.25 -18.46 46.60
N PHE A 549 -6.83 -17.26 46.49
CA PHE A 549 -6.32 -16.13 47.26
C PHE A 549 -6.48 -16.36 48.76
N LEU A 550 -7.62 -16.91 49.18
CA LEU A 550 -7.85 -17.13 50.60
C LEU A 550 -6.91 -18.19 51.15
N VAL A 551 -6.85 -19.35 50.49
CA VAL A 551 -6.07 -20.46 51.03
C VAL A 551 -4.58 -20.14 51.01
N ALA A 552 -4.11 -19.50 49.94
CA ALA A 552 -2.69 -19.19 49.85
C ALA A 552 -2.28 -18.19 50.92
N LEU A 553 -3.06 -17.13 51.11
CA LEU A 553 -2.69 -16.11 52.08
C LEU A 553 -2.73 -16.65 53.50
N PHE A 554 -3.84 -17.30 53.87
CA PHE A 554 -4.03 -17.76 55.24
C PHE A 554 -2.93 -18.73 55.65
N PHE A 555 -2.68 -19.74 54.82
CA PHE A 555 -1.67 -20.74 55.17
C PHE A 555 -0.28 -20.14 55.17
N ASN A 556 0.02 -19.28 54.19
CA ASN A 556 1.36 -18.72 54.11
C ASN A 556 1.71 -17.92 55.36
N LEU A 557 0.82 -17.01 55.77
CA LEU A 557 1.11 -16.22 56.95
C LEU A 557 1.21 -17.10 58.19
N LEU A 558 0.46 -18.21 58.22
CA LEU A 558 0.49 -19.08 59.39
C LEU A 558 1.86 -19.72 59.57
N VAL A 559 2.46 -20.21 58.48
CA VAL A 559 3.71 -20.94 58.61
C VAL A 559 4.86 -20.02 58.99
N ILE A 560 4.82 -18.75 58.58
CA ILE A 560 5.87 -17.82 58.96
C ILE A 560 5.89 -17.64 60.47
N LEU A 561 4.72 -17.49 61.08
CA LEU A 561 4.65 -17.34 62.53
C LEU A 561 5.19 -18.55 63.25
N THR A 562 5.03 -19.74 62.67
CA THR A 562 5.54 -20.94 63.31
C THR A 562 7.06 -20.90 63.42
N THR A 563 7.75 -20.64 62.31
CA THR A 563 9.21 -20.72 62.31
C THR A 563 9.85 -19.54 63.01
N PHE A 564 9.36 -18.33 62.76
CA PHE A 564 10.06 -17.13 63.18
C PHE A 564 9.71 -16.66 64.58
N ALA A 565 8.71 -17.25 65.22
CA ALA A 565 8.38 -16.88 66.60
C ALA A 565 9.15 -17.68 67.63
N SER A 566 9.87 -18.71 67.22
CA SER A 566 10.65 -19.54 68.14
C SER A 566 12.06 -18.99 68.21
N CYS A 567 12.45 -18.50 69.39
CA CYS A 567 13.79 -17.97 69.61
C CYS A 567 14.80 -19.13 69.78
N THR A 568 14.93 -19.91 68.71
CA THR A 568 15.77 -21.09 68.70
C THR A 568 16.74 -21.01 67.54
N SER A 569 17.79 -21.83 67.61
CA SER A 569 18.78 -21.89 66.54
C SER A 569 18.12 -22.50 65.31
N LEU A 570 17.82 -21.67 64.33
CA LEU A 570 17.14 -22.14 63.13
C LEU A 570 18.14 -22.84 62.22
N PRO A 571 17.88 -24.09 61.84
CA PRO A 571 18.77 -24.79 60.91
C PRO A 571 18.51 -24.33 59.47
N SER A 572 19.41 -24.76 58.59
CA SER A 572 19.27 -24.41 57.18
C SER A 572 17.99 -24.98 56.59
N SER A 573 17.66 -26.23 56.93
CA SER A 573 16.47 -26.85 56.37
C SER A 573 15.21 -26.10 56.78
N LYS A 574 15.11 -25.74 58.05
CA LYS A 574 13.97 -24.93 58.49
C LYS A 574 14.00 -23.56 57.84
N LEU A 575 15.19 -22.98 57.69
CA LEU A 575 15.28 -21.61 57.18
C LEU A 575 14.73 -21.51 55.77
N PHE A 576 15.19 -22.36 54.87
CA PHE A 576 14.79 -22.24 53.47
C PHE A 576 13.29 -22.42 53.30
N ILE A 577 12.69 -23.30 54.11
CA ILE A 577 11.24 -23.44 54.09
C ILE A 577 10.58 -22.11 54.44
N GLY A 578 11.19 -21.34 55.32
CA GLY A 578 10.66 -20.04 55.67
C GLY A 578 10.63 -19.04 54.54
N LEU A 579 11.75 -18.89 53.82
CA LEU A 579 11.82 -17.86 52.80
C LEU A 579 10.86 -18.13 51.65
N ILE A 580 10.78 -19.37 51.19
CA ILE A 580 9.88 -19.68 50.08
C ILE A 580 8.45 -19.30 50.44
N SER A 581 8.02 -19.69 51.64
CA SER A 581 6.70 -19.31 52.10
C SER A 581 6.60 -17.79 52.27
N VAL A 582 7.65 -17.16 52.80
CA VAL A 582 7.67 -15.71 52.89
C VAL A 582 7.55 -15.10 51.50
N SER A 583 8.35 -15.59 50.57
CA SER A 583 8.23 -15.14 49.19
C SER A 583 6.89 -15.55 48.59
N ASN A 584 6.41 -16.74 48.96
CA ASN A 584 5.16 -17.23 48.41
C ASN A 584 3.99 -16.32 48.74
N LEU A 585 4.02 -15.68 49.91
CA LEU A 585 2.92 -14.82 50.31
C LEU A 585 2.71 -13.70 49.30
N PHE A 586 3.77 -13.29 48.61
CA PHE A 586 3.63 -12.23 47.62
C PHE A 586 2.73 -12.66 46.46
N MET A 587 2.71 -13.95 46.12
CA MET A 587 1.71 -14.43 45.17
C MET A 587 0.29 -14.23 45.72
N GLY A 588 0.09 -14.52 47.00
CA GLY A 588 -1.23 -14.33 47.57
C GLY A 588 -1.69 -12.89 47.49
N ILE A 589 -0.83 -11.95 47.89
CA ILE A 589 -1.20 -10.55 47.84
C ILE A 589 -1.36 -10.09 46.40
N TYR A 590 -0.56 -10.63 45.48
CA TYR A 590 -0.73 -10.28 44.07
C TYR A 590 -2.07 -10.76 43.54
N THR A 591 -2.43 -12.01 43.85
CA THR A 591 -3.73 -12.52 43.43
C THR A 591 -4.86 -11.71 44.06
N GLY A 592 -4.66 -11.23 45.28
CA GLY A 592 -5.65 -10.37 45.90
C GLY A 592 -5.89 -9.10 45.10
N ILE A 593 -4.84 -8.57 44.49
CA ILE A 593 -5.01 -7.43 43.60
C ILE A 593 -5.93 -7.78 42.45
N LEU A 594 -5.74 -8.96 41.86
CA LEU A 594 -6.57 -9.37 40.74
C LEU A 594 -8.03 -9.52 41.15
N THR A 595 -8.28 -10.25 42.24
CA THR A 595 -9.67 -10.49 42.63
C THR A 595 -10.36 -9.22 43.06
N PHE A 596 -9.63 -8.28 43.67
CA PHE A 596 -10.25 -7.02 44.07
C PHE A 596 -10.53 -6.14 42.86
N LEU A 597 -9.57 -6.05 41.93
CA LEU A 597 -9.77 -5.22 40.75
C LEU A 597 -10.91 -5.75 39.90
N ASP A 598 -11.02 -7.07 39.78
CA ASP A 598 -12.14 -7.66 39.05
C ASP A 598 -13.46 -7.32 39.73
N ALA A 599 -13.51 -7.40 41.05
CA ALA A 599 -14.75 -7.14 41.77
C ALA A 599 -15.21 -5.70 41.59
N VAL A 600 -14.27 -4.75 41.63
CA VAL A 600 -14.63 -3.34 41.49
C VAL A 600 -15.21 -3.06 40.11
N SER A 601 -14.61 -3.63 39.08
CA SER A 601 -15.06 -3.45 37.70
C SER A 601 -15.98 -4.58 37.25
N TRP A 602 -16.79 -5.12 38.16
CA TRP A 602 -17.68 -6.23 37.86
C TRP A 602 -18.58 -5.92 36.67
N GLY A 603 -18.39 -6.66 35.58
CA GLY A 603 -19.19 -6.45 34.39
C GLY A 603 -18.88 -5.19 33.62
N ARG A 604 -17.95 -4.37 34.10
CA ARG A 604 -17.62 -3.10 33.46
C ARG A 604 -16.12 -2.90 33.45
N PHE A 605 -15.37 -3.94 33.09
CA PHE A 605 -13.91 -3.85 33.11
C PHE A 605 -13.38 -2.90 32.04
N ALA A 606 -14.14 -2.67 30.98
CA ALA A 606 -13.61 -1.91 29.84
C ALA A 606 -13.21 -0.49 30.25
N GLU A 607 -14.05 0.17 31.04
CA GLU A 607 -13.78 1.56 31.39
C GLU A 607 -12.48 1.70 32.18
N PHE A 608 -12.25 0.81 33.15
CA PHE A 608 -11.02 0.86 33.92
C PHE A 608 -9.85 0.18 33.22
N GLY A 609 -10.11 -0.57 32.15
CA GLY A 609 -9.04 -1.34 31.54
C GLY A 609 -7.89 -0.49 31.04
N ILE A 610 -8.22 0.62 30.37
CA ILE A 610 -7.17 1.46 29.80
C ILE A 610 -6.37 2.14 30.90
N TRP A 611 -7.05 2.73 31.89
CA TRP A 611 -6.35 3.41 32.96
C TRP A 611 -5.48 2.44 33.77
N TRP A 612 -6.03 1.26 34.07
CA TRP A 612 -5.26 0.26 34.82
C TRP A 612 -4.07 -0.23 34.01
N GLU A 613 -4.24 -0.40 32.70
CA GLU A 613 -3.16 -0.92 31.87
C GLU A 613 -1.97 0.02 31.86
N THR A 614 -2.22 1.30 31.56
CA THR A 614 -1.14 2.28 31.50
C THR A 614 -0.78 2.85 32.87
N GLY A 615 -1.62 2.62 33.88
CA GLY A 615 -1.34 3.17 35.19
C GLY A 615 -0.14 2.50 35.85
N SER A 616 0.38 3.19 36.87
CA SER A 616 1.51 2.65 37.62
C SER A 616 1.16 1.38 38.38
N GLY A 617 -0.12 1.18 38.70
CA GLY A 617 -0.51 0.01 39.48
C GLY A 617 -0.18 -1.28 38.78
N CYS A 618 -0.47 -1.37 37.48
CA CYS A 618 -0.15 -2.57 36.73
C CYS A 618 1.35 -2.84 36.74
N LYS A 619 2.16 -1.77 36.69
CA LYS A 619 3.60 -1.94 36.81
C LYS A 619 3.97 -2.56 38.15
N VAL A 620 3.37 -2.06 39.22
CA VAL A 620 3.65 -2.61 40.55
C VAL A 620 3.14 -4.04 40.66
N ALA A 621 1.89 -4.27 40.25
CA ALA A 621 1.35 -5.63 40.29
C ALA A 621 2.15 -6.56 39.39
N GLY A 622 2.52 -6.09 38.20
CA GLY A 622 3.36 -6.90 37.34
C GLY A 622 4.71 -7.18 37.95
N PHE A 623 5.35 -6.16 38.54
CA PHE A 623 6.62 -6.35 39.21
C PHE A 623 6.48 -7.31 40.38
N LEU A 624 5.41 -7.18 41.15
CA LEU A 624 5.21 -8.04 42.30
C LEU A 624 5.10 -9.50 41.88
N ALA A 625 4.33 -9.78 40.82
CA ALA A 625 4.09 -11.15 40.41
C ALA A 625 5.38 -11.82 39.94
N VAL A 626 6.13 -11.15 39.06
CA VAL A 626 7.33 -11.77 38.52
C VAL A 626 8.37 -11.98 39.60
N PHE A 627 8.44 -11.06 40.56
CA PHE A 627 9.50 -11.10 41.56
C PHE A 627 9.43 -12.38 42.38
N SER A 628 8.36 -12.57 43.13
CA SER A 628 8.29 -13.71 44.04
C SER A 628 8.22 -15.02 43.27
N SER A 629 7.50 -15.04 42.14
CA SER A 629 7.42 -16.26 41.35
C SER A 629 8.81 -16.73 40.93
N GLU A 630 9.63 -15.81 40.43
CA GLU A 630 11.03 -16.15 40.17
C GLU A 630 11.77 -16.43 41.47
N SER A 631 11.49 -15.63 42.50
CA SER A 631 12.22 -15.77 43.76
C SER A 631 12.12 -17.19 44.31
N ALA A 632 10.94 -17.81 44.17
CA ALA A 632 10.79 -19.18 44.62
C ALA A 632 11.74 -20.11 43.89
N ILE A 633 11.75 -20.04 42.56
CA ILE A 633 12.57 -20.96 41.76
C ILE A 633 14.04 -20.73 42.03
N PHE A 634 14.48 -19.46 42.04
CA PHE A 634 15.86 -19.16 42.37
C PHE A 634 16.23 -19.51 43.80
N LEU A 635 15.28 -20.01 44.60
CA LEU A 635 15.53 -20.29 46.00
C LEU A 635 15.18 -21.70 46.40
N LEU A 636 14.17 -22.32 45.78
CA LEU A 636 13.84 -23.70 46.12
C LEU A 636 15.01 -24.63 45.81
N MET A 637 15.70 -24.38 44.70
CA MET A 637 16.87 -25.19 44.36
C MET A 637 17.98 -25.02 45.38
N LEU A 638 17.99 -23.91 46.13
CA LEU A 638 18.95 -23.79 47.22
C LEU A 638 18.69 -24.83 48.30
N ALA A 639 17.43 -25.24 48.46
CA ALA A 639 17.15 -26.32 49.40
C ALA A 639 17.77 -27.63 48.92
N THR A 640 17.73 -27.89 47.62
CA THR A 640 18.26 -29.13 47.09
C THR A 640 19.74 -29.26 47.38
N VAL A 641 20.52 -28.23 47.08
CA VAL A 641 21.95 -28.27 47.35
C VAL A 641 22.19 -28.35 48.85
N GLU A 642 21.38 -27.65 49.63
CA GLU A 642 21.48 -27.76 51.09
C GLU A 642 21.19 -29.18 51.55
N ARG A 643 20.14 -29.78 51.00
CA ARG A 643 19.80 -31.15 51.39
C ARG A 643 20.89 -32.12 50.98
N SER A 644 21.43 -31.96 49.77
CA SER A 644 22.53 -32.82 49.34
C SER A 644 23.76 -32.63 50.21
N LEU A 645 24.10 -31.36 50.50
CA LEU A 645 25.25 -31.09 51.36
C LEU A 645 25.01 -31.64 52.77
N SER A 646 23.80 -31.45 53.30
CA SER A 646 23.49 -32.03 54.61
C SER A 646 23.55 -33.54 54.56
N ALA A 647 23.03 -34.15 53.50
CA ALA A 647 23.09 -35.59 53.35
C ALA A 647 24.54 -36.08 53.24
N LYS A 648 25.34 -35.39 52.43
CA LYS A 648 26.74 -35.79 52.26
C LYS A 648 27.52 -35.63 53.56
N ASP A 649 27.26 -34.55 54.30
CA ASP A 649 27.97 -34.33 55.56
C ASP A 649 27.56 -35.29 56.66
N ILE A 650 26.48 -36.05 56.47
CA ILE A 650 26.04 -36.99 57.50
C ILE A 650 27.09 -38.09 57.70
N MET A 651 27.53 -38.72 56.61
CA MET A 651 28.54 -39.75 56.70
C MET A 651 29.96 -39.23 56.51
N LYS A 652 30.14 -37.94 56.27
CA LYS A 652 31.46 -37.35 56.07
C LYS A 652 31.94 -36.58 57.29
N ASN A 653 31.13 -35.66 57.80
CA ASN A 653 31.51 -34.84 58.94
C ASN A 653 30.53 -34.94 60.11
N GLY A 654 29.23 -35.08 59.85
CA GLY A 654 28.24 -35.15 60.89
C GLY A 654 27.70 -33.81 61.35
N LYS A 655 28.26 -32.70 60.88
CA LYS A 655 27.82 -31.37 61.27
C LYS A 655 27.94 -30.44 60.08
N SER A 656 27.15 -29.37 60.09
CA SER A 656 27.11 -28.41 59.00
C SER A 656 27.63 -27.06 59.50
N ASN A 657 28.64 -26.53 58.80
CA ASN A 657 29.19 -25.21 59.11
C ASN A 657 28.94 -24.22 57.99
N HIS A 658 28.04 -24.54 57.06
CA HIS A 658 27.70 -23.67 55.95
C HIS A 658 26.44 -22.88 56.18
N LEU A 659 25.93 -22.85 57.43
CA LEU A 659 24.70 -22.13 57.72
C LEU A 659 24.84 -20.65 57.39
N LYS A 660 25.97 -20.05 57.75
CA LYS A 660 26.22 -18.67 57.37
C LYS A 660 26.28 -18.51 55.86
N GLN A 661 26.90 -19.48 55.18
CA GLN A 661 26.97 -19.43 53.72
C GLN A 661 25.58 -19.45 53.10
N PHE A 662 24.71 -20.34 53.60
CA PHE A 662 23.34 -20.39 53.10
C PHE A 662 22.61 -19.09 53.39
N ARG A 663 22.81 -18.52 54.58
CA ARG A 663 22.23 -17.23 54.89
C ARG A 663 22.66 -16.18 53.87
N VAL A 664 23.95 -16.17 53.54
CA VAL A 664 24.44 -15.27 52.50
C VAL A 664 23.80 -15.61 51.17
N ALA A 665 23.76 -16.89 50.82
CA ALA A 665 23.16 -17.30 49.56
C ALA A 665 21.67 -17.02 49.53
N ALA A 666 21.04 -16.96 50.70
CA ALA A 666 19.59 -16.72 50.75
C ALA A 666 19.25 -15.34 50.19
N LEU A 667 20.01 -14.32 50.55
CA LEU A 667 19.67 -12.96 50.15
C LEU A 667 19.85 -12.77 48.65
N LEU A 668 20.94 -13.31 48.09
CA LEU A 668 21.25 -13.04 46.68
C LEU A 668 20.12 -13.43 45.75
N ALA A 669 19.37 -14.48 46.08
CA ALA A 669 18.24 -14.87 45.26
C ALA A 669 17.20 -13.76 45.20
N PHE A 670 16.96 -13.08 46.32
CA PHE A 670 15.98 -12.02 46.34
C PHE A 670 16.39 -10.87 45.43
N LEU A 671 17.66 -10.47 45.49
CA LEU A 671 18.14 -9.43 44.58
C LEU A 671 18.06 -9.89 43.13
N GLY A 672 18.46 -11.14 42.86
CA GLY A 672 18.31 -11.67 41.52
C GLY A 672 16.87 -11.67 41.07
N ALA A 673 15.94 -12.01 41.96
CA ALA A 673 14.52 -11.86 41.65
C ALA A 673 14.15 -10.40 41.48
N THR A 674 14.76 -9.51 42.28
CA THR A 674 14.43 -8.10 42.18
C THR A 674 14.79 -7.53 40.82
N VAL A 675 15.97 -7.88 40.30
CA VAL A 675 16.35 -7.38 38.98
C VAL A 675 15.48 -7.99 37.91
N ALA A 676 14.90 -9.17 38.18
CA ALA A 676 13.97 -9.76 37.21
C ALA A 676 12.75 -8.89 37.01
N GLY A 677 12.22 -8.32 38.10
CA GLY A 677 11.07 -7.44 37.98
C GLY A 677 11.43 -6.05 37.51
N CYS A 678 12.68 -5.63 37.72
CA CYS A 678 13.10 -4.31 37.29
C CYS A 678 13.32 -4.23 35.78
N PHE A 679 13.73 -5.34 35.17
CA PHE A 679 14.01 -5.34 33.73
C PHE A 679 12.85 -4.86 32.88
N PRO A 680 11.59 -5.28 33.09
CA PRO A 680 10.49 -4.74 32.26
C PRO A 680 10.30 -3.25 32.40
N LEU A 681 10.77 -2.64 33.49
CA LEU A 681 10.66 -1.19 33.62
C LEU A 681 11.58 -0.47 32.64
N PHE A 682 12.70 -1.08 32.27
CA PHE A 682 13.60 -0.47 31.30
C PHE A 682 12.95 -0.34 29.94
N HIS A 683 12.35 -1.41 29.44
CA HIS A 683 11.68 -1.41 28.15
C HIS A 683 10.19 -1.16 28.36
N ARG A 684 9.73 0.02 27.96
CA ARG A 684 8.33 0.38 28.16
C ARG A 684 7.42 -0.53 27.35
N GLY A 685 6.27 -0.87 27.93
CA GLY A 685 5.30 -1.72 27.29
C GLY A 685 5.44 -3.20 27.59
N GLU A 686 6.53 -3.61 28.25
CA GLU A 686 6.70 -5.02 28.59
C GLU A 686 5.64 -5.47 29.58
N TYR A 687 5.41 -4.70 30.63
CA TYR A 687 4.38 -5.04 31.60
C TYR A 687 2.98 -4.85 31.02
N SER A 688 2.84 -3.94 30.06
CA SER A 688 1.54 -3.59 29.50
C SER A 688 1.07 -4.52 28.40
N ALA A 689 1.63 -5.73 28.31
CA ALA A 689 1.22 -6.66 27.26
C ALA A 689 -0.23 -7.05 27.41
N SER A 690 -0.68 -7.32 28.63
CA SER A 690 -2.05 -7.73 28.90
C SER A 690 -2.51 -7.08 30.21
N PRO A 691 -3.81 -6.89 30.37
CA PRO A 691 -4.31 -6.35 31.65
C PRO A 691 -4.04 -7.27 32.82
N LEU A 692 -3.78 -8.55 32.53
CA LEU A 692 -3.44 -9.51 33.60
C LEU A 692 -2.10 -9.05 34.20
N CYS A 693 -1.40 -8.17 33.49
CA CYS A 693 -0.10 -7.65 33.99
C CYS A 693 0.80 -8.82 34.37
N LEU A 694 1.14 -9.67 33.40
CA LEU A 694 2.05 -10.82 33.66
C LEU A 694 2.74 -11.21 32.36
N PRO A 695 3.99 -10.77 32.11
CA PRO A 695 4.66 -11.04 30.83
C PRO A 695 4.51 -12.50 30.42
N PHE A 696 3.56 -12.79 29.51
CA PHE A 696 3.32 -14.18 29.04
C PHE A 696 2.73 -14.18 27.62
N PRO A 697 1.64 -13.43 27.30
CA PRO A 697 1.11 -13.38 25.93
C PRO A 697 2.16 -12.96 24.90
N THR A 698 1.99 -13.41 23.64
CA THR A 698 2.94 -13.04 22.57
C THR A 698 3.08 -11.51 22.51
N GLY A 699 4.31 -11.02 22.45
CA GLY A 699 4.55 -9.56 22.43
C GLY A 699 5.50 -9.14 21.33
N GLU A 700 6.51 -8.32 21.66
CA GLU A 700 7.48 -7.84 20.65
C GLU A 700 8.90 -8.07 21.21
N THR A 701 9.85 -8.50 20.37
CA THR A 701 11.24 -8.82 20.84
C THR A 701 11.54 -8.17 22.18
N PRO A 702 11.60 -6.81 22.35
CA PRO A 702 11.85 -6.24 23.67
C PRO A 702 11.15 -7.08 24.74
N SER A 703 9.83 -7.24 24.61
CA SER A 703 9.04 -8.06 25.57
C SER A 703 9.06 -9.53 25.16
N LEU A 704 8.75 -9.83 23.90
CA LEU A 704 8.68 -11.25 23.46
C LEU A 704 10.03 -11.93 23.77
N GLY A 705 11.12 -11.36 23.25
CA GLY A 705 12.41 -11.94 23.57
C GLY A 705 12.70 -11.92 25.06
N PHE A 706 12.11 -10.97 25.79
CA PHE A 706 12.25 -10.98 27.23
C PHE A 706 11.47 -12.14 27.84
N THR A 707 10.24 -12.38 27.37
CA THR A 707 9.40 -13.40 27.99
C THR A 707 10.05 -14.77 27.95
N VAL A 708 10.62 -15.13 26.80
CA VAL A 708 11.35 -16.39 26.71
C VAL A 708 12.58 -16.37 27.60
N THR A 709 13.14 -15.19 27.88
CA THR A 709 14.34 -15.11 28.69
C THR A 709 14.10 -15.63 30.10
N LEU A 710 12.97 -15.27 30.72
CA LEU A 710 12.73 -15.74 32.08
C LEU A 710 12.54 -17.25 32.13
N VAL A 711 11.72 -17.80 31.21
CA VAL A 711 11.32 -19.20 31.34
C VAL A 711 12.50 -20.13 31.12
N LEU A 712 13.49 -19.69 30.33
CA LEU A 712 14.56 -20.61 29.97
C LEU A 712 15.39 -21.03 31.18
N LEU A 713 15.69 -20.10 32.10
CA LEU A 713 16.44 -20.50 33.29
C LEU A 713 15.60 -21.42 34.16
N ASN A 714 14.34 -21.05 34.40
CA ASN A 714 13.48 -21.86 35.26
C ASN A 714 13.30 -23.26 34.69
N SER A 715 13.04 -23.34 33.39
CA SER A 715 13.01 -24.64 32.73
C SER A 715 14.36 -25.33 32.87
N LEU A 716 15.45 -24.58 32.63
CA LEU A 716 16.78 -25.11 32.87
C LEU A 716 16.96 -25.49 34.34
N ALA A 717 16.50 -24.60 35.24
CA ALA A 717 16.62 -24.88 36.67
C ALA A 717 15.97 -26.21 37.03
N PHE A 718 14.86 -26.52 36.38
CA PHE A 718 14.13 -27.74 36.74
C PHE A 718 14.87 -29.01 36.34
N LEU A 719 15.95 -28.90 35.57
CA LEU A 719 16.77 -30.09 35.33
C LEU A 719 17.71 -30.34 36.51
N LEU A 720 18.46 -29.32 36.95
CA LEU A 720 19.46 -29.54 38.00
C LEU A 720 18.81 -30.03 39.28
N MET A 721 17.95 -29.21 39.89
CA MET A 721 17.45 -29.52 41.23
C MET A 721 16.82 -30.91 41.31
N ALA A 722 16.62 -31.54 40.15
CA ALA A 722 16.15 -32.92 40.10
C ALA A 722 17.28 -33.93 40.13
N VAL A 723 18.35 -33.72 39.36
CA VAL A 723 19.33 -34.78 39.15
C VAL A 723 20.06 -35.10 40.44
N ILE A 724 20.49 -34.07 41.20
CA ILE A 724 21.16 -34.35 42.46
C ILE A 724 20.23 -35.10 43.40
N TYR A 725 18.94 -34.76 43.38
CA TYR A 725 17.98 -35.54 44.13
C TYR A 725 17.98 -37.00 43.68
N THR A 726 17.98 -37.23 42.37
CA THR A 726 18.14 -38.58 41.86
C THR A 726 19.53 -39.12 42.20
N LYS A 727 20.56 -38.28 42.07
CA LYS A 727 21.91 -38.71 42.39
C LYS A 727 22.01 -39.12 43.86
N LEU A 728 21.42 -38.32 44.76
CA LEU A 728 21.43 -38.70 46.17
C LEU A 728 20.54 -39.91 46.42
N TYR A 729 19.45 -40.04 45.65
CA TYR A 729 18.57 -41.20 45.84
C TYR A 729 19.31 -42.50 45.55
N CYS A 730 20.09 -42.54 44.47
CA CYS A 730 20.94 -43.70 44.22
C CYS A 730 22.02 -43.81 45.29
N ASN A 731 22.56 -42.68 45.75
CA ASN A 731 23.61 -42.70 46.75
C ASN A 731 23.09 -43.22 48.10
N LEU A 732 21.93 -42.74 48.52
CA LEU A 732 21.40 -43.15 49.82
C LEU A 732 20.95 -44.61 49.78
N GLU A 733 21.05 -45.27 50.93
CA GLU A 733 20.57 -46.64 51.07
C GLU A 733 19.11 -46.64 51.51
N LYS A 734 18.40 -47.70 51.13
CA LYS A 734 16.96 -47.74 51.35
C LYS A 734 16.61 -47.71 52.84
N GLU A 735 17.36 -48.47 53.65
CA GLU A 735 17.07 -48.51 55.08
C GLU A 735 17.44 -47.22 55.80
N ASP A 736 18.19 -46.33 55.15
CA ASP A 736 18.60 -45.09 55.80
C ASP A 736 17.42 -44.16 56.08
N LEU A 737 16.31 -44.32 55.38
CA LEU A 737 15.14 -43.49 55.55
C LEU A 737 14.14 -44.06 56.55
N SER A 738 14.49 -45.14 57.23
CA SER A 738 13.53 -45.84 58.09
C SER A 738 13.11 -44.97 59.28
N GLU A 739 14.09 -44.42 60.01
CA GLU A 739 13.78 -43.71 61.25
C GLU A 739 14.47 -42.36 61.41
N ASN A 740 15.45 -42.04 60.57
CA ASN A 740 16.16 -40.77 60.72
C ASN A 740 15.22 -39.59 60.46
N SER A 741 15.41 -38.52 61.23
CA SER A 741 14.56 -37.35 61.09
C SER A 741 14.73 -36.68 59.73
N GLN A 742 15.93 -36.76 59.15
CA GLN A 742 16.18 -36.14 57.85
C GLN A 742 15.33 -36.77 56.76
N SER A 743 14.82 -37.97 56.99
CA SER A 743 13.88 -38.56 56.03
C SER A 743 12.64 -37.70 55.90
N SER A 744 12.11 -37.20 57.02
CA SER A 744 10.96 -36.32 56.98
C SER A 744 11.27 -35.05 56.21
N MET A 745 12.43 -34.46 56.46
CA MET A 745 12.82 -33.26 55.72
C MET A 745 13.05 -33.57 54.24
N ILE A 746 13.78 -34.66 53.96
CA ILE A 746 14.08 -34.98 52.58
C ILE A 746 12.82 -35.40 51.83
N LYS A 747 11.87 -36.05 52.51
CA LYS A 747 10.64 -36.43 51.83
C LYS A 747 9.73 -35.22 51.62
N HIS A 748 9.75 -34.25 52.54
CA HIS A 748 8.92 -33.07 52.36
C HIS A 748 9.37 -32.24 51.18
N VAL A 749 10.68 -31.92 51.12
CA VAL A 749 11.19 -31.12 50.02
C VAL A 749 10.97 -31.83 48.70
N ALA A 750 10.95 -33.17 48.72
CA ALA A 750 10.75 -33.94 47.50
C ALA A 750 9.42 -33.60 46.83
N TRP A 751 8.44 -33.15 47.59
CA TRP A 751 7.14 -32.88 47.00
C TRP A 751 7.04 -31.48 46.42
N LEU A 752 7.64 -30.47 47.06
CA LEU A 752 7.62 -29.13 46.49
C LEU A 752 8.29 -29.10 45.12
N ILE A 753 9.44 -29.78 44.99
CA ILE A 753 10.07 -29.85 43.69
C ILE A 753 9.21 -30.66 42.73
N PHE A 754 8.46 -31.64 43.25
CA PHE A 754 7.57 -32.42 42.40
C PHE A 754 6.51 -31.55 41.77
N THR A 755 5.78 -30.78 42.60
CA THR A 755 4.66 -30.01 42.08
C THR A 755 5.13 -28.82 41.26
N ASN A 756 6.13 -28.07 41.76
CA ASN A 756 6.54 -26.86 41.09
C ASN A 756 7.07 -27.14 39.69
N CYS A 757 7.55 -28.36 39.44
CA CYS A 757 7.98 -28.71 38.09
C CYS A 757 6.79 -28.96 37.18
N ILE A 758 5.91 -29.89 37.57
CA ILE A 758 4.80 -30.29 36.70
C ILE A 758 3.87 -29.12 36.46
N PHE A 759 3.56 -28.35 37.50
CA PHE A 759 2.69 -27.19 37.32
C PHE A 759 3.37 -26.06 36.55
N PHE A 760 4.69 -26.14 36.35
CA PHE A 760 5.36 -25.14 35.53
C PHE A 760 5.39 -25.49 34.06
N CYS A 761 5.09 -26.73 33.68
CA CYS A 761 5.02 -27.07 32.27
C CYS A 761 3.90 -26.36 31.53
N PRO A 762 2.63 -26.41 31.98
CA PRO A 762 1.56 -25.83 31.16
C PRO A 762 1.77 -24.35 30.86
N VAL A 763 2.25 -23.59 31.84
CA VAL A 763 2.59 -22.20 31.57
C VAL A 763 3.77 -22.12 30.60
N ALA A 764 4.79 -22.95 30.81
CA ALA A 764 5.93 -22.95 29.90
C ALA A 764 5.56 -23.51 28.53
N PHE A 765 4.81 -24.62 28.52
CA PHE A 765 4.48 -25.27 27.25
C PHE A 765 3.58 -24.38 26.38
N PHE A 766 2.71 -23.58 27.01
CA PHE A 766 1.86 -22.70 26.25
C PHE A 766 2.60 -21.46 25.75
N SER A 767 3.68 -21.07 26.42
CA SER A 767 4.42 -19.88 26.00
C SER A 767 5.09 -20.10 24.65
N PHE A 768 5.47 -21.33 24.34
CA PHE A 768 6.14 -21.63 23.08
C PHE A 768 5.17 -21.76 21.91
N ALA A 769 3.86 -21.68 22.17
CA ALA A 769 2.89 -21.85 21.11
C ALA A 769 3.03 -20.84 19.97
N PRO A 770 3.25 -19.54 20.21
CA PRO A 770 3.46 -18.63 19.07
C PRO A 770 4.64 -19.01 18.20
N LEU A 771 5.71 -19.57 18.79
CA LEU A 771 6.84 -20.02 17.99
C LEU A 771 6.53 -21.29 17.20
N ILE A 772 5.47 -22.02 17.58
CA ILE A 772 5.06 -23.20 16.84
C ILE A 772 3.74 -22.89 16.12
N THR A 773 3.84 -22.46 14.86
CA THR A 773 2.66 -22.07 14.11
C THR A 773 1.79 -23.26 13.73
N ALA A 774 2.31 -24.48 13.87
CA ALA A 774 1.54 -25.66 13.49
C ALA A 774 0.33 -25.90 14.40
N ILE A 775 0.37 -25.39 15.63
CA ILE A 775 -0.71 -25.58 16.59
C ILE A 775 -1.25 -24.21 16.98
N SER A 776 -2.57 -24.06 16.89
CA SER A 776 -3.25 -22.81 17.25
C SER A 776 -4.06 -23.05 18.51
N ILE A 777 -3.87 -22.18 19.50
CA ILE A 777 -4.52 -22.30 20.80
C ILE A 777 -5.49 -21.15 20.97
N SER A 778 -6.69 -21.47 21.45
CA SER A 778 -7.70 -20.44 21.68
C SER A 778 -7.25 -19.51 22.80
N PRO A 779 -7.37 -18.19 22.59
CA PRO A 779 -6.92 -17.26 23.64
C PRO A 779 -7.65 -17.42 24.96
N GLU A 780 -8.94 -17.76 24.93
CA GLU A 780 -9.67 -17.93 26.19
C GLU A 780 -9.09 -19.08 27.01
N ILE A 781 -8.77 -20.19 26.36
CA ILE A 781 -8.08 -21.28 27.05
C ILE A 781 -6.67 -20.84 27.43
N MET A 782 -6.01 -20.08 26.55
CA MET A 782 -4.69 -19.54 26.86
C MET A 782 -4.73 -18.75 28.15
N LYS A 783 -5.67 -17.81 28.27
CA LYS A 783 -5.78 -17.02 29.49
C LYS A 783 -6.18 -17.89 30.68
N SER A 784 -7.04 -18.88 30.44
CA SER A 784 -7.63 -19.62 31.56
C SER A 784 -6.57 -20.39 32.34
N VAL A 785 -5.68 -21.10 31.64
CA VAL A 785 -4.73 -21.98 32.32
C VAL A 785 -3.74 -21.16 33.13
N THR A 786 -3.36 -19.98 32.63
CA THR A 786 -2.45 -19.12 33.39
C THR A 786 -3.10 -18.65 34.68
N LEU A 787 -4.38 -18.29 34.62
CA LEU A 787 -5.09 -17.80 35.79
C LEU A 787 -5.32 -18.86 36.84
N ILE A 788 -5.09 -20.13 36.53
CA ILE A 788 -5.33 -21.21 37.48
C ILE A 788 -4.07 -21.98 37.84
N PHE A 789 -3.05 -22.00 36.98
CA PHE A 789 -1.86 -22.80 37.24
C PHE A 789 -0.64 -21.97 37.62
N PHE A 790 -0.51 -20.76 37.10
CA PHE A 790 0.64 -19.93 37.46
C PHE A 790 0.71 -19.66 38.95
N PRO A 791 -0.35 -19.23 39.64
CA PRO A 791 -0.28 -19.04 41.08
C PRO A 791 -0.67 -20.26 41.91
N LEU A 792 -1.03 -21.37 41.26
CA LEU A 792 -1.45 -22.55 42.01
C LEU A 792 -0.39 -23.05 42.99
N PRO A 793 0.90 -23.11 42.64
CA PRO A 793 1.89 -23.56 43.64
C PRO A 793 1.89 -22.72 44.91
N ALA A 794 1.40 -21.48 44.85
CA ALA A 794 1.39 -20.65 46.03
C ALA A 794 0.51 -21.25 47.13
N CYS A 795 -0.74 -21.56 46.79
CA CYS A 795 -1.63 -22.14 47.79
C CYS A 795 -1.14 -23.52 48.22
N LEU A 796 -0.65 -24.31 47.26
CA LEU A 796 -0.38 -25.71 47.51
C LEU A 796 0.83 -25.93 48.42
N ASN A 797 1.85 -25.08 48.30
CA ASN A 797 3.10 -25.32 49.03
C ASN A 797 2.91 -25.40 50.54
N PRO A 798 2.29 -24.42 51.21
CA PRO A 798 2.19 -24.52 52.68
C PRO A 798 1.35 -25.67 53.17
N VAL A 799 0.47 -26.22 52.32
CA VAL A 799 -0.40 -27.31 52.77
C VAL A 799 0.42 -28.51 53.19
N LEU A 800 1.44 -28.84 52.41
CA LEU A 800 2.27 -30.00 52.74
C LEU A 800 3.01 -29.79 54.06
N TYR A 801 3.55 -28.59 54.28
CA TYR A 801 4.25 -28.33 55.52
C TYR A 801 3.29 -28.30 56.71
N VAL A 802 2.01 -28.02 56.46
CA VAL A 802 1.05 -27.91 57.55
C VAL A 802 0.27 -29.19 57.79
N PHE A 803 0.26 -30.13 56.85
CA PHE A 803 -0.51 -31.35 56.98
C PHE A 803 0.29 -32.64 56.84
N PHE A 804 1.57 -32.55 56.49
CA PHE A 804 2.37 -33.74 56.28
C PHE A 804 3.67 -33.77 57.05
N ASN A 805 4.34 -32.64 57.23
CA ASN A 805 5.60 -32.64 57.95
C ASN A 805 5.34 -32.85 59.44
N PRO A 806 5.89 -33.91 60.05
CA PRO A 806 5.77 -34.05 61.50
C PRO A 806 6.45 -32.94 62.28
N LYS A 807 7.46 -32.30 61.69
CA LYS A 807 8.21 -31.26 62.40
C LYS A 807 7.31 -30.09 62.77
N PHE A 808 6.45 -29.67 61.85
CA PHE A 808 5.56 -28.54 62.13
C PHE A 808 4.64 -28.83 63.32
N LYS A 809 4.32 -30.10 63.55
CA LYS A 809 3.43 -30.45 64.65
C LYS A 809 4.02 -30.00 65.99
N GLU A 810 5.31 -30.23 66.19
CA GLU A 810 5.93 -29.80 67.45
C GLU A 810 6.13 -28.29 67.47
N ASP A 811 6.34 -27.67 66.31
CA ASP A 811 6.40 -26.21 66.26
C ASP A 811 5.07 -25.60 66.66
N TRP A 812 3.96 -26.18 66.18
CA TRP A 812 2.64 -25.70 66.59
C TRP A 812 2.44 -25.86 68.08
N LYS A 813 3.01 -26.92 68.67
CA LYS A 813 2.93 -27.07 70.12
C LYS A 813 3.82 -26.05 70.82
N LEU A 814 4.96 -25.68 70.22
CA LEU A 814 5.85 -24.71 70.85
C LEU A 814 5.18 -23.36 71.00
N LEU A 815 4.55 -22.87 69.93
CA LEU A 815 3.91 -21.55 70.02
C LEU A 815 2.63 -21.61 70.84
N LYS A 816 1.99 -22.78 70.93
CA LYS A 816 0.80 -22.92 71.76
C LYS A 816 1.11 -22.62 73.22
N ARG A 817 2.23 -23.14 73.72
CA ARG A 817 2.64 -22.81 75.08
C ARG A 817 3.05 -21.35 75.19
N ARG A 818 3.70 -20.81 74.15
CA ARG A 818 4.18 -19.43 74.21
C ARG A 818 3.04 -18.44 74.32
N VAL A 819 1.97 -18.63 73.55
CA VAL A 819 0.85 -17.69 73.59
C VAL A 819 0.12 -17.77 74.93
N THR A 820 -0.04 -18.99 75.46
CA THR A 820 -0.69 -19.15 76.75
C THR A 820 0.13 -18.51 77.87
N LYS A 821 1.46 -18.67 77.81
CA LYS A 821 2.32 -18.07 78.83
C LYS A 821 2.26 -16.54 78.77
N LYS A 822 2.24 -15.98 77.56
CA LYS A 822 2.19 -14.53 77.40
C LYS A 822 0.75 -14.03 77.42
N CYS B 40 -8.07 -16.95 -30.95
CA CYS B 40 -6.82 -17.69 -30.86
C CYS B 40 -6.00 -17.54 -32.12
N LYS B 41 -6.58 -16.91 -33.14
CA LYS B 41 -5.91 -16.76 -34.42
C LYS B 41 -4.76 -15.77 -34.29
N GLY B 42 -3.55 -16.24 -34.60
CA GLY B 42 -2.37 -15.41 -34.48
C GLY B 42 -2.09 -14.95 -33.07
N CYS B 43 -2.40 -15.78 -32.08
CA CYS B 43 -2.21 -15.44 -30.67
C CYS B 43 -1.10 -16.29 -30.09
N LEU B 44 -0.15 -15.65 -29.41
CA LEU B 44 0.95 -16.38 -28.80
C LEU B 44 0.47 -17.25 -27.65
N SER B 45 -0.52 -16.79 -26.88
CA SER B 45 -1.01 -17.56 -25.74
C SER B 45 -2.52 -17.33 -25.66
N CYS B 46 -3.28 -18.28 -26.16
CA CYS B 46 -4.73 -18.19 -26.21
C CYS B 46 -5.36 -19.28 -25.36
N SER B 47 -6.51 -18.95 -24.77
CA SER B 47 -7.26 -19.90 -23.96
C SER B 47 -8.71 -19.95 -24.40
N LYS B 48 -9.57 -20.61 -23.63
CA LYS B 48 -10.99 -20.69 -23.92
C LYS B 48 -11.82 -19.67 -23.14
N ASP B 49 -11.58 -19.55 -21.85
CA ASP B 49 -12.30 -18.55 -21.04
C ASP B 49 -11.67 -17.18 -21.23
N ASN B 50 -10.39 -17.05 -20.85
CA ASN B 50 -9.68 -15.80 -21.06
C ASN B 50 -9.48 -15.49 -22.54
N GLY B 51 -9.62 -16.50 -23.41
CA GLY B 51 -9.35 -16.27 -24.81
C GLY B 51 -7.87 -16.04 -25.05
N CYS B 52 -7.57 -15.19 -26.01
CA CYS B 52 -6.18 -14.82 -26.25
C CYS B 52 -5.66 -13.96 -25.10
N SER B 53 -4.50 -14.33 -24.57
CA SER B 53 -3.88 -13.59 -23.49
C SER B 53 -2.69 -12.74 -23.95
N ARG B 54 -2.05 -13.09 -25.05
CA ARG B 54 -0.94 -12.30 -25.58
C ARG B 54 -0.83 -12.55 -27.08
N CYS B 55 -0.96 -11.48 -27.86
CA CYS B 55 -0.81 -11.57 -29.30
C CYS B 55 0.67 -11.48 -29.65
N GLN B 56 0.96 -11.31 -30.94
CA GLN B 56 2.35 -11.17 -31.38
C GLN B 56 2.92 -9.84 -30.87
N GLN B 57 4.26 -9.74 -30.94
CA GLN B 57 4.93 -8.55 -30.45
C GLN B 57 4.56 -7.31 -31.25
N LYS B 58 4.17 -7.48 -32.51
CA LYS B 58 3.79 -6.35 -33.36
C LYS B 58 2.30 -6.34 -33.67
N LEU B 59 1.55 -7.34 -33.23
CA LEU B 59 0.13 -7.45 -33.52
C LEU B 59 -0.67 -6.85 -32.37
N PHE B 60 -1.78 -6.21 -32.73
CA PHE B 60 -2.60 -5.48 -31.76
C PHE B 60 -3.47 -6.44 -30.97
N PHE B 61 -3.51 -6.26 -29.66
CA PHE B 61 -4.33 -7.08 -28.77
C PHE B 61 -5.54 -6.26 -28.31
N PHE B 62 -6.73 -6.81 -28.51
CA PHE B 62 -7.96 -6.12 -28.16
C PHE B 62 -8.81 -7.02 -27.28
N LEU B 63 -9.41 -6.42 -26.25
CA LEU B 63 -10.33 -7.14 -25.37
C LEU B 63 -11.71 -7.19 -26.02
N ARG B 64 -12.16 -8.40 -26.32
CA ARG B 64 -13.47 -8.61 -26.95
C ARG B 64 -14.49 -8.93 -25.87
N ARG B 65 -15.51 -8.09 -25.76
CA ARG B 65 -16.56 -8.22 -24.76
C ARG B 65 -17.86 -8.58 -25.45
N GLU B 66 -18.51 -9.66 -24.97
CA GLU B 66 -19.78 -10.13 -25.51
C GLU B 66 -20.73 -10.35 -24.34
N GLY B 67 -21.52 -9.34 -24.03
CA GLY B 67 -22.46 -9.44 -22.91
C GLY B 67 -21.70 -9.59 -21.61
N MET B 68 -21.96 -10.69 -20.90
CA MET B 68 -21.24 -11.01 -19.68
C MET B 68 -19.95 -11.78 -19.94
N ARG B 69 -19.69 -12.17 -21.19
CA ARG B 69 -18.50 -12.91 -21.56
C ARG B 69 -17.50 -11.97 -22.22
N GLN B 70 -16.26 -11.98 -21.74
CA GLN B 70 -15.21 -11.12 -22.28
C GLN B 70 -13.92 -11.90 -22.38
N TYR B 71 -13.22 -11.73 -23.51
CA TYR B 71 -11.92 -12.36 -23.71
C TYR B 71 -11.15 -11.55 -24.74
N GLY B 72 -9.85 -11.43 -24.51
CA GLY B 72 -9.00 -10.72 -25.45
C GLY B 72 -8.74 -11.52 -26.70
N GLU B 73 -8.43 -10.80 -27.79
CA GLU B 73 -8.18 -11.42 -29.08
C GLU B 73 -7.18 -10.57 -29.85
N CYS B 74 -6.85 -11.02 -31.05
CA CYS B 74 -5.88 -10.37 -31.92
C CYS B 74 -6.58 -9.81 -33.15
N LEU B 75 -6.31 -8.53 -33.44
CA LEU B 75 -6.79 -7.88 -34.65
C LEU B 75 -5.65 -7.11 -35.28
N HIS B 76 -5.52 -7.21 -36.61
CA HIS B 76 -4.42 -6.54 -37.29
C HIS B 76 -4.50 -5.03 -37.16
N SER B 77 -5.69 -4.49 -36.96
CA SER B 77 -5.88 -3.06 -36.79
C SER B 77 -7.12 -2.82 -35.95
N CYS B 78 -7.19 -1.63 -35.38
CA CYS B 78 -8.32 -1.31 -34.52
C CYS B 78 -9.60 -1.20 -35.34
N PRO B 79 -10.72 -1.68 -34.82
CA PRO B 79 -12.00 -1.56 -35.53
C PRO B 79 -12.57 -0.17 -35.37
N SER B 80 -13.78 0.01 -35.88
CA SER B 80 -14.44 1.30 -35.79
C SER B 80 -14.67 1.70 -34.34
N GLY B 81 -14.54 2.99 -34.06
CA GLY B 81 -14.60 3.45 -32.69
C GLY B 81 -13.35 3.20 -31.89
N TYR B 82 -12.28 2.71 -32.52
CA TYR B 82 -11.04 2.41 -31.85
C TYR B 82 -9.86 2.99 -32.62
N TYR B 83 -8.84 3.42 -31.89
CA TYR B 83 -7.59 3.87 -32.48
C TYR B 83 -6.44 3.11 -31.85
N GLY B 84 -5.46 2.74 -32.66
CA GLY B 84 -4.33 1.99 -32.17
C GLY B 84 -3.47 2.80 -31.22
N HIS B 85 -2.79 2.09 -30.33
CA HIS B 85 -1.85 2.69 -29.38
C HIS B 85 -0.63 1.78 -29.30
N ARG B 86 0.38 2.07 -30.12
CA ARG B 86 1.60 1.29 -30.11
C ARG B 86 2.40 1.58 -28.86
N ALA B 87 2.84 0.53 -28.18
CA ALA B 87 3.63 0.64 -26.96
C ALA B 87 4.77 -0.37 -27.03
N PRO B 88 5.89 -0.09 -26.36
CA PRO B 88 7.04 -1.02 -26.45
C PRO B 88 6.72 -2.43 -26.01
N ASP B 89 5.92 -2.59 -24.95
CA ASP B 89 5.62 -3.93 -24.46
C ASP B 89 4.70 -4.68 -25.42
N MET B 90 3.63 -4.02 -25.85
CA MET B 90 2.57 -4.66 -26.62
C MET B 90 1.58 -3.61 -27.07
N ASN B 91 0.74 -3.97 -28.03
CA ASN B 91 -0.14 -3.04 -28.71
C ASN B 91 -1.59 -3.36 -28.38
N ARG B 92 -2.34 -2.35 -27.95
CA ARG B 92 -3.72 -2.52 -27.51
C ARG B 92 -4.63 -1.53 -28.21
N CYS B 93 -5.82 -1.98 -28.58
CA CYS B 93 -6.81 -1.10 -29.18
C CYS B 93 -7.40 -0.17 -28.14
N ALA B 94 -7.59 1.09 -28.52
CA ALA B 94 -8.06 2.13 -27.62
C ALA B 94 -9.35 2.72 -28.17
N ARG B 95 -10.39 2.74 -27.33
CA ARG B 95 -11.66 3.32 -27.73
C ARG B 95 -11.52 4.78 -28.10
N CYS B 96 -12.22 5.21 -29.14
CA CYS B 96 -12.16 6.60 -29.56
C CYS B 96 -12.99 7.44 -28.60
N ARG B 97 -12.32 8.15 -27.70
CA ARG B 97 -13.03 9.01 -26.73
C ARG B 97 -13.67 10.21 -27.44
N ILE B 98 -13.18 10.54 -28.64
CA ILE B 98 -13.69 11.71 -29.35
C ILE B 98 -15.13 11.48 -29.73
N GLU B 99 -16.00 12.43 -29.37
CA GLU B 99 -17.43 12.25 -29.52
C GLU B 99 -17.84 12.20 -30.98
N ASN B 100 -18.85 11.38 -31.26
CA ASN B 100 -19.53 11.38 -32.55
C ASN B 100 -18.57 11.07 -33.69
N CYS B 101 -17.59 10.21 -33.42
CA CYS B 101 -16.54 9.87 -34.37
C CYS B 101 -16.62 8.39 -34.70
N ASP B 102 -16.63 8.06 -36.00
CA ASP B 102 -16.64 6.68 -36.42
C ASP B 102 -15.29 6.02 -36.18
N SER B 103 -14.24 6.52 -36.82
CA SER B 103 -12.88 6.06 -36.58
C SER B 103 -12.01 7.28 -36.34
N CYS B 104 -11.18 7.22 -35.30
CA CYS B 104 -10.30 8.33 -34.95
C CYS B 104 -8.85 7.91 -35.10
N PHE B 105 -8.01 8.88 -35.40
CA PHE B 105 -6.59 8.59 -35.60
C PHE B 105 -5.84 8.47 -34.28
N SER B 106 -6.20 9.27 -33.29
CA SER B 106 -5.44 9.29 -32.03
C SER B 106 -6.38 9.69 -30.90
N LYS B 107 -5.79 10.11 -29.78
CA LYS B 107 -6.54 10.49 -28.59
C LYS B 107 -7.65 11.49 -28.91
N ASP B 108 -7.34 12.54 -29.65
CA ASP B 108 -8.28 13.62 -29.88
C ASP B 108 -8.50 13.96 -31.35
N PHE B 109 -7.90 13.22 -32.28
CA PHE B 109 -8.05 13.49 -33.71
C PHE B 109 -8.89 12.39 -34.33
N CYS B 110 -9.92 12.79 -35.08
CA CYS B 110 -10.87 11.88 -35.69
C CYS B 110 -10.61 11.79 -37.18
N THR B 111 -10.52 10.56 -37.69
CA THR B 111 -10.37 10.38 -39.13
C THR B 111 -11.59 10.88 -39.88
N LYS B 112 -12.77 10.41 -39.47
CA LYS B 112 -14.01 10.89 -40.04
C LYS B 112 -15.14 10.67 -39.05
N CYS B 113 -16.04 11.64 -38.96
CA CYS B 113 -17.18 11.57 -38.06
C CYS B 113 -18.37 10.94 -38.78
N LYS B 114 -19.50 10.86 -38.08
CA LYS B 114 -20.70 10.27 -38.65
C LYS B 114 -21.44 11.30 -39.51
N VAL B 115 -22.52 10.86 -40.14
CA VAL B 115 -23.25 11.70 -41.08
C VAL B 115 -23.90 12.87 -40.35
N GLY B 116 -23.88 14.05 -40.96
CA GLY B 116 -24.42 15.24 -40.37
C GLY B 116 -23.45 16.01 -39.49
N PHE B 117 -22.26 15.49 -39.27
CA PHE B 117 -21.25 16.12 -38.43
C PHE B 117 -19.97 16.25 -39.25
N TYR B 118 -19.75 17.44 -39.79
CA TYR B 118 -18.69 17.65 -40.78
C TYR B 118 -17.32 17.49 -40.13
N LEU B 119 -16.30 17.47 -40.98
CA LEU B 119 -14.91 17.29 -40.55
C LEU B 119 -14.16 18.59 -40.75
N HIS B 120 -13.61 19.13 -39.66
CA HIS B 120 -12.79 20.33 -39.71
C HIS B 120 -11.63 20.14 -38.75
N ARG B 121 -10.42 20.04 -39.29
CA ARG B 121 -9.22 19.77 -38.51
C ARG B 121 -9.40 18.51 -37.66
N GLY B 122 -10.04 17.51 -38.25
CA GLY B 122 -10.27 16.25 -37.56
C GLY B 122 -11.30 16.30 -36.46
N ARG B 123 -12.21 17.28 -36.51
CA ARG B 123 -13.23 17.44 -35.47
C ARG B 123 -14.61 17.35 -36.08
N CYS B 124 -15.58 16.96 -35.26
CA CYS B 124 -16.97 16.82 -35.70
C CYS B 124 -17.71 18.12 -35.47
N PHE B 125 -18.25 18.70 -36.54
CA PHE B 125 -19.07 19.91 -36.45
C PHE B 125 -20.30 19.73 -37.31
N ASP B 126 -21.46 20.11 -36.77
CA ASP B 126 -22.70 19.99 -37.53
C ASP B 126 -22.67 20.90 -38.75
N GLU B 127 -22.17 22.13 -38.60
CA GLU B 127 -21.97 23.05 -39.71
C GLU B 127 -20.55 23.58 -39.67
N CYS B 128 -20.07 24.01 -40.83
CA CYS B 128 -18.74 24.57 -40.92
C CYS B 128 -18.69 25.90 -40.16
N PRO B 129 -17.57 26.23 -39.54
CA PRO B 129 -17.48 27.50 -38.79
C PRO B 129 -17.30 28.70 -39.71
N ASP B 130 -17.12 29.88 -39.12
CA ASP B 130 -16.91 31.08 -39.92
C ASP B 130 -15.64 30.96 -40.73
N GLY B 131 -15.70 31.42 -41.98
CA GLY B 131 -14.59 31.29 -42.91
C GLY B 131 -14.51 29.96 -43.61
N PHE B 132 -15.40 29.02 -43.30
CA PHE B 132 -15.38 27.70 -43.92
C PHE B 132 -16.76 27.39 -44.50
N ALA B 133 -16.77 26.78 -45.69
CA ALA B 133 -17.99 26.46 -46.40
C ALA B 133 -18.31 24.97 -46.27
N PRO B 134 -19.59 24.62 -46.20
CA PRO B 134 -19.96 23.20 -46.11
C PRO B 134 -19.68 22.46 -47.41
N LEU B 135 -19.36 21.18 -47.26
CA LEU B 135 -19.20 20.27 -48.38
C LEU B 135 -19.88 18.95 -48.06
N GLU B 136 -20.61 18.41 -49.02
CA GLU B 136 -21.51 17.29 -48.78
C GLU B 136 -21.01 15.96 -49.34
N GLU B 137 -20.52 15.95 -50.58
CA GLU B 137 -20.24 14.67 -51.25
C GLU B 137 -19.12 13.90 -50.56
N THR B 138 -18.05 14.59 -50.16
CA THR B 138 -16.98 13.93 -49.43
C THR B 138 -17.05 14.17 -47.92
N MET B 139 -18.07 14.91 -47.46
CA MET B 139 -18.46 14.97 -46.05
C MET B 139 -17.29 15.50 -45.19
N GLU B 140 -17.11 16.80 -45.34
CA GLU B 140 -16.05 17.49 -44.56
C GLU B 140 -16.26 18.99 -44.75
N CYS B 141 -15.45 19.79 -44.07
CA CYS B 141 -15.49 21.23 -44.21
C CYS B 141 -14.43 21.70 -45.20
N VAL B 142 -14.77 22.74 -45.96
CA VAL B 142 -13.85 23.39 -46.88
C VAL B 142 -13.97 24.89 -46.67
N GLU B 143 -13.11 25.64 -47.36
CA GLU B 143 -13.07 27.09 -47.25
C GLU B 143 -14.40 27.72 -47.66
#